data_7BU7
#
_entry.id   7BU7
#
_cell.length_a   377.980
_cell.length_b   66.220
_cell.length_c   47.860
_cell.angle_alpha   90.000
_cell.angle_beta   93.883
_cell.angle_gamma   90.000
#
_symmetry.space_group_name_H-M   'C 1 2 1'
#
loop_
_entity.id
_entity.type
_entity.pdbx_description
1 polymer 'Endolysin,Endolysin,Beta-1 adrenergic receptor chimera'
2 polymer 'camelid antibody fragment'
3 branched alpha-D-glucopyranose-(1-4)-alpha-D-glucopyranose
4 non-polymer 'SULFATE ION'
5 non-polymer CHOLESTEROL
6 non-polymer '(2S)-2,3-dihydroxypropyl (7Z)-tetradec-7-enoate'
7 non-polymer 'SODIUM ION'
8 non-polymer '4-(2-HYDROXYETHYL)-1-PIPERAZINE ETHANESULFONIC ACID'
9 non-polymer 8-[(1R)-2-{[1,1-dimethyl-2-(2-methylphenyl)ethyl]amino}-1-hydroxyethyl]-5-hydroxy-2H-1,4-benzoxazin-3(4H)-one
10 non-polymer 'HEXAETHYLENE GLYCOL'
11 water water
#
loop_
_entity_poly.entity_id
_entity_poly.type
_entity_poly.pdbx_seq_one_letter_code
_entity_poly.pdbx_strand_id
1 'polypeptide(L)'
;DYKDDDDANIFEMLRIDEGLRLKIYKDTEGYYTIGIGHLLTKSPSLNAAKSELDKAIGRNTNGVITKDEAEKLFNQDVDA
AVRGILRNAKLKPVYDSLDAVRRAALINMVFQMGETGVAGFTNSLRMLQQKRWDEAAVNLAKSRWYNQTPNRAKRVITTF
RTGTWDAYAASQQWTAGMGLLMALIVLLIVAGNVLVIVAIAKTPRLQTLTNLFIMSLASADLVMGLLVVPFGATIVVWGR
WEYGSFFCELWTSVDVLCVTASIETLCVIALDRYLAITSPFRYQSLLTRARARGLVCTVWAISALVSFLPILMHWWRAES
DEARRCYNDPKCCDFVTNRAYAIASSVVSFYVPLCIMAFVYLRVFREAQKQVKKIDSCERRFLGGPARPPSPSPSPVPAP
APPPGPPRPAAAAATAPLANGRAGKRRPSRLVALREQKALKTLGIIMGVFTLCWLPFFLANVVKAFHRELVPDRLFVFFN
WLGYANSAFNPIIYCRSPDFRKAFQGLLCCARRAAR
;
A
2 'polypeptide(L)'
;QVQLQESGGGLVQAGGSLRLSCAASGSIFALNIMGWYRQAPGKQRELVAAIHSGGTTNYANSVKGRFTISRDNAANTVYL
QMNSLKPEDTAVYYCNVKDFGAIIYDYDYWGQGTQVTVSSLEHHHHHH
;
B
#
loop_
_chem_comp.id
_chem_comp.type
_chem_comp.name
_chem_comp.formula
1WV non-polymer '(2S)-2,3-dihydroxypropyl (7Z)-tetradec-7-enoate' 'C17 H32 O4'
CLR non-polymer CHOLESTEROL 'C27 H46 O'
EPE non-polymer '4-(2-HYDROXYETHYL)-1-PIPERAZINE ETHANESULFONIC ACID' 'C8 H18 N2 O4 S'
GLC D-saccharide, alpha linking alpha-D-glucopyranose 'C6 H12 O6'
NA non-polymer 'SODIUM ION' 'Na 1'
P0G non-polymer 8-[(1R)-2-{[1,1-dimethyl-2-(2-methylphenyl)ethyl]amino}-1-hydroxyethyl]-5-hydroxy-2H-1,4-benzoxazin-3(4H)-one 'C21 H26 N2 O4'
P6G non-polymer 'HEXAETHYLENE GLYCOL' 'C12 H26 O7'
SO4 non-polymer 'SULFATE ION' 'O4 S -2'
#
# COMPACT_ATOMS: atom_id res chain seq x y z
N ASP A 1 -27.49 -36.30 3.10
CA ASP A 1 -27.67 -37.64 3.66
C ASP A 1 -26.44 -38.53 3.55
N TYR A 2 -26.49 -39.54 2.71
CA TYR A 2 -25.38 -40.46 2.55
C TYR A 2 -24.23 -39.98 1.68
N LYS A 3 -23.05 -39.89 2.27
CA LYS A 3 -21.83 -39.45 1.64
C LYS A 3 -20.86 -40.56 1.38
N ASP A 4 -19.89 -40.28 0.54
CA ASP A 4 -18.93 -41.28 0.11
C ASP A 4 -17.57 -40.62 0.01
N ASP A 5 -16.51 -41.43 -0.07
CA ASP A 5 -15.20 -40.87 -0.33
C ASP A 5 -15.13 -40.26 -1.73
N ASP A 6 -15.73 -40.94 -2.72
CA ASP A 6 -15.82 -40.36 -4.05
C ASP A 6 -16.66 -39.10 -4.06
N ASP A 7 -17.75 -39.09 -3.30
CA ASP A 7 -18.58 -37.90 -3.19
C ASP A 7 -17.77 -36.71 -2.70
N ALA A 8 -16.98 -36.92 -1.65
CA ALA A 8 -16.29 -35.80 -1.00
C ALA A 8 -15.17 -35.24 -1.85
N ASN A 9 -14.49 -36.10 -2.62
CA ASN A 9 -13.43 -35.62 -3.51
C ASN A 9 -13.97 -34.68 -4.57
N ILE A 10 -15.12 -35.01 -5.16
CA ILE A 10 -15.74 -34.11 -6.13
C ILE A 10 -16.13 -32.81 -5.45
N PHE A 11 -16.62 -32.88 -4.22
CA PHE A 11 -16.97 -31.67 -3.47
C PHE A 11 -15.77 -30.76 -3.32
N GLU A 12 -14.65 -31.30 -2.83
CA GLU A 12 -13.45 -30.49 -2.64
C GLU A 12 -12.88 -30.04 -3.97
N MET A 13 -13.09 -30.83 -5.03
CA MET A 13 -12.70 -30.40 -6.37
C MET A 13 -13.35 -29.07 -6.72
N LEU A 14 -14.67 -28.98 -6.59
CA LEU A 14 -15.36 -27.78 -7.02
C LEU A 14 -15.37 -26.67 -5.99
N ARG A 15 -15.05 -26.96 -4.72
CA ARG A 15 -14.84 -25.83 -3.82
C ARG A 15 -13.61 -25.02 -4.25
N ILE A 16 -12.62 -25.68 -4.85
CA ILE A 16 -11.49 -24.95 -5.40
C ILE A 16 -11.90 -24.21 -6.68
N ASP A 17 -12.59 -24.91 -7.59
CA ASP A 17 -12.90 -24.31 -8.89
C ASP A 17 -13.99 -23.25 -8.79
N GLU A 18 -15.01 -23.47 -7.95
CA GLU A 18 -16.13 -22.54 -7.88
C GLU A 18 -16.28 -21.80 -6.55
N GLY A 19 -15.79 -22.35 -5.46
CA GLY A 19 -15.95 -21.71 -4.16
C GLY A 19 -17.10 -22.28 -3.35
N LEU A 20 -17.08 -22.00 -2.05
CA LEU A 20 -18.10 -22.46 -1.11
C LEU A 20 -18.66 -21.26 -0.36
N ARG A 21 -19.99 -21.23 -0.20
CA ARG A 21 -20.66 -20.15 0.51
C ARG A 21 -21.66 -20.77 1.47
N LEU A 22 -21.54 -20.43 2.75
CA LEU A 22 -22.43 -20.99 3.77
C LEU A 22 -23.59 -20.07 4.09
N LYS A 23 -23.71 -18.95 3.39
CA LYS A 23 -24.82 -18.02 3.53
C LYS A 23 -25.39 -17.76 2.15
N ILE A 24 -26.69 -17.44 2.10
CA ILE A 24 -27.35 -17.18 0.82
C ILE A 24 -26.70 -16.00 0.14
N TYR A 25 -26.52 -16.11 -1.18
CA TYR A 25 -25.96 -15.03 -1.99
C TYR A 25 -26.66 -15.02 -3.34
N LYS A 26 -26.20 -14.12 -4.21
CA LYS A 26 -26.78 -13.92 -5.53
C LYS A 26 -25.80 -14.41 -6.59
N ASP A 27 -26.33 -15.02 -7.65
CA ASP A 27 -25.47 -15.48 -8.74
C ASP A 27 -25.36 -14.36 -9.79
N THR A 28 -24.81 -14.68 -10.95
CA THR A 28 -24.50 -13.64 -11.94
C THR A 28 -25.74 -12.90 -12.41
N GLU A 29 -26.90 -13.55 -12.40
CA GLU A 29 -28.15 -12.94 -12.84
C GLU A 29 -29.13 -12.70 -11.70
N GLY A 30 -28.63 -12.59 -10.46
CA GLY A 30 -29.42 -12.13 -9.33
C GLY A 30 -30.21 -13.19 -8.58
N TYR A 31 -30.02 -14.47 -8.88
CA TYR A 31 -30.83 -15.52 -8.26
C TYR A 31 -30.19 -16.01 -6.96
N TYR A 32 -31.04 -16.27 -5.97
CA TYR A 32 -30.52 -16.68 -4.66
C TYR A 32 -29.92 -18.07 -4.73
N THR A 33 -28.75 -18.21 -4.12
CA THR A 33 -27.90 -19.38 -4.25
C THR A 33 -27.25 -19.63 -2.89
N ILE A 34 -26.81 -20.86 -2.66
CA ILE A 34 -26.03 -21.20 -1.48
C ILE A 34 -25.15 -22.40 -1.82
N GLY A 35 -24.22 -22.72 -0.92
CA GLY A 35 -23.37 -23.90 -1.13
C GLY A 35 -22.38 -23.67 -2.25
N ILE A 36 -22.16 -24.70 -3.06
CA ILE A 36 -21.35 -24.57 -4.26
C ILE A 36 -22.34 -24.46 -5.41
N GLY A 37 -22.76 -23.22 -5.69
CA GLY A 37 -23.61 -22.94 -6.82
C GLY A 37 -24.95 -23.63 -6.85
N HIS A 38 -25.56 -23.86 -5.68
CA HIS A 38 -26.87 -24.50 -5.64
C HIS A 38 -27.96 -23.43 -5.70
N LEU A 39 -28.72 -23.43 -6.81
CA LEU A 39 -29.81 -22.48 -7.01
C LEU A 39 -30.97 -22.80 -6.09
N LEU A 40 -31.39 -21.82 -5.29
CA LEU A 40 -32.51 -22.06 -4.39
C LEU A 40 -33.83 -21.75 -5.08
N THR A 41 -33.86 -20.64 -5.79
CA THR A 41 -35.08 -20.16 -6.40
C THR A 41 -34.71 -19.02 -7.33
N LYS A 42 -35.57 -18.80 -8.31
CA LYS A 42 -35.48 -17.61 -9.15
C LYS A 42 -36.33 -16.47 -8.60
N SER A 43 -37.00 -16.68 -7.46
CA SER A 43 -37.93 -15.69 -6.93
C SER A 43 -37.14 -14.57 -6.29
N PRO A 44 -37.58 -13.32 -6.47
CA PRO A 44 -36.92 -12.17 -5.85
C PRO A 44 -37.32 -11.97 -4.39
N SER A 45 -37.31 -13.06 -3.63
CA SER A 45 -37.73 -13.04 -2.24
C SER A 45 -36.73 -13.84 -1.42
N LEU A 46 -36.06 -13.17 -0.49
CA LEU A 46 -35.12 -13.87 0.37
C LEU A 46 -35.82 -14.90 1.23
N ASN A 47 -36.99 -14.54 1.80
CA ASN A 47 -37.73 -15.50 2.60
C ASN A 47 -38.16 -16.71 1.77
N ALA A 48 -38.48 -16.50 0.50
CA ALA A 48 -38.77 -17.64 -0.37
C ALA A 48 -37.55 -18.54 -0.52
N ALA A 49 -36.38 -17.93 -0.72
CA ALA A 49 -35.14 -18.70 -0.79
C ALA A 49 -34.87 -19.46 0.51
N LYS A 50 -35.24 -18.88 1.65
CA LYS A 50 -35.00 -19.54 2.92
C LYS A 50 -35.93 -20.73 3.12
N SER A 51 -37.19 -20.62 2.68
CA SER A 51 -38.11 -21.75 2.80
C SER A 51 -37.70 -22.90 1.91
N GLU A 52 -37.23 -22.61 0.70
CA GLU A 52 -36.69 -23.67 -0.16
C GLU A 52 -35.46 -24.30 0.48
N LEU A 53 -34.60 -23.47 1.08
CA LEU A 53 -33.41 -23.99 1.75
C LEU A 53 -33.78 -24.85 2.94
N ASP A 54 -34.76 -24.41 3.73
CA ASP A 54 -35.16 -25.16 4.92
C ASP A 54 -35.80 -26.50 4.55
N LYS A 55 -36.60 -26.53 3.46
CA LYS A 55 -37.18 -27.78 3.01
C LYS A 55 -36.12 -28.74 2.46
N ALA A 56 -35.06 -28.20 1.86
CA ALA A 56 -34.03 -29.07 1.31
C ALA A 56 -33.10 -29.59 2.41
N ILE A 57 -32.73 -28.72 3.35
CA ILE A 57 -31.81 -29.11 4.41
C ILE A 57 -32.52 -29.97 5.45
N GLY A 58 -33.73 -29.55 5.86
CA GLY A 58 -34.42 -30.22 6.94
C GLY A 58 -34.08 -29.59 8.28
N ARG A 59 -34.02 -28.25 8.29
CA ARG A 59 -33.67 -27.49 9.48
C ARG A 59 -34.05 -26.04 9.21
N ASN A 60 -34.23 -25.28 10.29
CA ASN A 60 -34.47 -23.84 10.17
C ASN A 60 -33.13 -23.15 10.06
N THR A 61 -32.70 -22.93 8.81
CA THR A 61 -31.36 -22.42 8.55
C THR A 61 -31.29 -20.90 8.69
N ASN A 62 -32.35 -20.20 8.26
CA ASN A 62 -32.36 -18.74 8.15
C ASN A 62 -31.17 -18.25 7.34
N GLY A 63 -30.90 -18.95 6.24
CA GLY A 63 -29.87 -18.55 5.30
C GLY A 63 -28.46 -19.01 5.62
N VAL A 64 -28.23 -19.65 6.77
CA VAL A 64 -26.90 -20.06 7.19
C VAL A 64 -26.88 -21.58 7.35
N ILE A 65 -26.00 -22.24 6.60
CA ILE A 65 -25.88 -23.69 6.60
C ILE A 65 -24.44 -24.07 6.94
N THR A 66 -24.26 -25.34 7.28
CA THR A 66 -22.94 -25.90 7.55
C THR A 66 -22.34 -26.52 6.29
N LYS A 67 -21.07 -26.92 6.40
CA LYS A 67 -20.40 -27.55 5.25
C LYS A 67 -21.06 -28.87 4.87
N ASP A 68 -21.36 -29.71 5.87
CA ASP A 68 -22.02 -30.98 5.58
C ASP A 68 -23.35 -30.75 4.86
N GLU A 69 -24.09 -29.73 5.28
CA GLU A 69 -25.34 -29.40 4.60
C GLU A 69 -25.09 -28.93 3.18
N ALA A 70 -23.98 -28.23 2.93
CA ALA A 70 -23.64 -27.87 1.56
C ALA A 70 -23.31 -29.09 0.72
N GLU A 71 -22.71 -30.13 1.33
CA GLU A 71 -22.44 -31.34 0.56
C GLU A 71 -23.73 -32.10 0.25
N LYS A 72 -24.72 -32.04 1.14
CA LYS A 72 -26.01 -32.65 0.84
C LYS A 72 -26.59 -32.06 -0.42
N LEU A 73 -26.63 -30.73 -0.50
CA LEU A 73 -27.10 -30.06 -1.69
C LEU A 73 -26.20 -30.39 -2.88
N PHE A 74 -24.89 -30.51 -2.65
CA PHE A 74 -23.98 -30.72 -3.76
C PHE A 74 -24.13 -32.11 -4.37
N ASN A 75 -24.27 -33.13 -3.52
CA ASN A 75 -24.38 -34.48 -4.07
C ASN A 75 -25.69 -34.67 -4.83
N GLN A 76 -26.72 -33.91 -4.48
CA GLN A 76 -27.95 -33.92 -5.26
C GLN A 76 -27.71 -33.36 -6.65
N ASP A 77 -26.92 -32.28 -6.74
CA ASP A 77 -26.58 -31.72 -8.04
C ASP A 77 -25.73 -32.70 -8.85
N VAL A 78 -24.79 -33.39 -8.20
CA VAL A 78 -24.00 -34.39 -8.90
C VAL A 78 -24.89 -35.53 -9.37
N ASP A 79 -25.81 -35.99 -8.52
CA ASP A 79 -26.72 -37.06 -8.90
C ASP A 79 -27.54 -36.68 -10.12
N ALA A 80 -28.05 -35.43 -10.14
CA ALA A 80 -28.82 -34.97 -11.28
C ALA A 80 -27.98 -34.95 -12.55
N ALA A 81 -26.75 -34.41 -12.46
CA ALA A 81 -25.86 -34.35 -13.62
C ALA A 81 -25.56 -35.73 -14.18
N VAL A 82 -25.15 -36.68 -13.32
CA VAL A 82 -24.92 -38.05 -13.76
C VAL A 82 -26.19 -38.62 -14.39
N ARG A 83 -27.34 -38.30 -13.80
CA ARG A 83 -28.59 -38.90 -14.25
C ARG A 83 -28.94 -38.43 -15.65
N GLY A 84 -28.60 -37.19 -15.99
CA GLY A 84 -28.79 -36.71 -17.35
C GLY A 84 -27.70 -37.14 -18.31
N ILE A 85 -26.49 -37.39 -17.80
CA ILE A 85 -25.43 -37.94 -18.64
C ILE A 85 -25.84 -39.31 -19.19
N LEU A 86 -26.43 -40.15 -18.34
CA LEU A 86 -26.81 -41.49 -18.77
C LEU A 86 -27.98 -41.47 -19.74
N ARG A 87 -28.77 -40.39 -19.75
CA ARG A 87 -29.83 -40.25 -20.75
C ARG A 87 -29.33 -39.70 -22.08
N ASN A 88 -28.06 -39.32 -22.16
CA ASN A 88 -27.51 -38.66 -23.35
C ASN A 88 -26.67 -39.66 -24.12
N ALA A 89 -27.05 -39.91 -25.37
CA ALA A 89 -26.37 -40.89 -26.22
C ALA A 89 -24.93 -40.49 -26.53
N LYS A 90 -24.60 -39.20 -26.38
CA LYS A 90 -23.24 -38.75 -26.64
C LYS A 90 -22.33 -38.96 -25.44
N LEU A 91 -22.89 -38.93 -24.22
CA LEU A 91 -22.07 -38.93 -23.01
C LEU A 91 -22.06 -40.25 -22.27
N LYS A 92 -23.12 -41.06 -22.40
CA LYS A 92 -23.20 -42.30 -21.64
C LYS A 92 -22.07 -43.29 -21.97
N PRO A 93 -21.68 -43.52 -23.24
CA PRO A 93 -20.58 -44.47 -23.48
C PRO A 93 -19.27 -44.06 -22.83
N VAL A 94 -18.93 -42.77 -22.89
CA VAL A 94 -17.69 -42.30 -22.30
C VAL A 94 -17.76 -42.40 -20.78
N TYR A 95 -18.83 -41.88 -20.20
CA TYR A 95 -18.99 -41.92 -18.75
C TYR A 95 -18.90 -43.35 -18.23
N ASP A 96 -19.53 -44.30 -18.93
CA ASP A 96 -19.53 -45.68 -18.46
C ASP A 96 -18.14 -46.29 -18.43
N SER A 97 -17.22 -45.78 -19.25
CA SER A 97 -15.90 -46.38 -19.38
C SER A 97 -14.85 -45.73 -18.49
N LEU A 98 -15.15 -44.59 -17.88
CA LEU A 98 -14.14 -43.84 -17.12
C LEU A 98 -14.04 -44.35 -15.69
N ASP A 99 -12.86 -44.16 -15.10
CA ASP A 99 -12.70 -44.40 -13.68
C ASP A 99 -13.34 -43.26 -12.88
N ALA A 100 -13.31 -43.38 -11.55
CA ALA A 100 -14.03 -42.42 -10.72
C ALA A 100 -13.40 -41.04 -10.79
N VAL A 101 -12.07 -40.96 -10.85
CA VAL A 101 -11.41 -39.65 -10.91
C VAL A 101 -11.76 -38.94 -12.21
N ARG A 102 -11.72 -39.64 -13.34
CA ARG A 102 -12.00 -39.00 -14.62
C ARG A 102 -13.48 -38.74 -14.80
N ARG A 103 -14.35 -39.53 -14.18
CA ARG A 103 -15.76 -39.18 -14.14
C ARG A 103 -15.96 -37.83 -13.48
N ALA A 104 -15.17 -37.54 -12.44
CA ALA A 104 -15.27 -36.26 -11.76
C ALA A 104 -14.89 -35.11 -12.70
N ALA A 105 -13.86 -35.32 -13.52
CA ALA A 105 -13.47 -34.30 -14.49
C ALA A 105 -14.61 -34.01 -15.46
N LEU A 106 -15.25 -35.06 -15.98
CA LEU A 106 -16.37 -34.90 -16.91
C LEU A 106 -17.54 -34.19 -16.25
N ILE A 107 -17.86 -34.55 -15.00
CA ILE A 107 -18.90 -33.86 -14.26
C ILE A 107 -18.52 -32.41 -14.03
N ASN A 108 -17.22 -32.14 -13.81
CA ASN A 108 -16.78 -30.76 -13.66
C ASN A 108 -17.07 -29.94 -14.92
N MET A 109 -16.80 -30.53 -16.09
CA MET A 109 -17.12 -29.84 -17.34
C MET A 109 -18.61 -29.57 -17.46
N VAL A 110 -19.43 -30.53 -17.06
CA VAL A 110 -20.88 -30.38 -17.17
C VAL A 110 -21.37 -29.27 -16.24
N PHE A 111 -20.78 -29.14 -15.06
CA PHE A 111 -21.11 -28.02 -14.18
C PHE A 111 -20.64 -26.69 -14.76
N GLN A 112 -19.75 -26.68 -15.72
CA GLN A 112 -19.26 -25.40 -16.22
C GLN A 112 -19.93 -24.96 -17.50
N MET A 113 -20.31 -25.91 -18.36
CA MET A 113 -20.82 -25.60 -19.68
C MET A 113 -22.17 -26.22 -19.96
N GLY A 114 -22.67 -27.08 -19.09
CA GLY A 114 -23.93 -27.77 -19.31
C GLY A 114 -23.73 -29.10 -20.03
N GLU A 115 -24.72 -29.98 -19.84
CA GLU A 115 -24.71 -31.28 -20.51
C GLU A 115 -24.59 -31.13 -22.02
N THR A 116 -25.48 -30.34 -22.63
CA THR A 116 -25.44 -30.16 -24.09
C THR A 116 -24.10 -29.61 -24.54
N GLY A 117 -23.57 -28.63 -23.80
CA GLY A 117 -22.27 -28.08 -24.16
C GLY A 117 -21.17 -29.12 -24.21
N VAL A 118 -21.07 -29.94 -23.16
CA VAL A 118 -20.00 -30.93 -23.10
C VAL A 118 -20.20 -32.01 -24.16
N ALA A 119 -21.45 -32.32 -24.52
CA ALA A 119 -21.70 -33.37 -25.51
C ALA A 119 -21.24 -32.99 -26.91
N GLY A 120 -20.82 -31.73 -27.13
CA GLY A 120 -20.28 -31.29 -28.40
C GLY A 120 -18.81 -31.59 -28.62
N PHE A 121 -18.13 -32.10 -27.60
CA PHE A 121 -16.71 -32.46 -27.66
C PHE A 121 -16.55 -33.88 -28.20
N THR A 122 -17.17 -34.19 -29.34
CA THR A 122 -17.32 -35.58 -29.73
C THR A 122 -15.97 -36.26 -29.98
N ASN A 123 -14.97 -35.52 -30.47
CA ASN A 123 -13.70 -36.15 -30.76
C ASN A 123 -12.88 -36.39 -29.50
N SER A 124 -12.82 -35.39 -28.61
CA SER A 124 -12.20 -35.61 -27.30
C SER A 124 -12.88 -36.74 -26.55
N LEU A 125 -14.21 -36.80 -26.60
CA LEU A 125 -14.94 -37.84 -25.88
C LEU A 125 -14.63 -39.22 -26.46
N ARG A 126 -14.58 -39.33 -27.79
CA ARG A 126 -14.16 -40.60 -28.41
C ARG A 126 -12.79 -41.02 -27.90
N MET A 127 -11.86 -40.07 -27.84
CA MET A 127 -10.49 -40.37 -27.41
C MET A 127 -10.45 -40.81 -25.95
N LEU A 128 -11.27 -40.18 -25.09
CA LEU A 128 -11.33 -40.60 -23.70
C LEU A 128 -11.96 -41.98 -23.56
N GLN A 129 -12.98 -42.26 -24.38
CA GLN A 129 -13.61 -43.57 -24.32
C GLN A 129 -12.66 -44.68 -24.74
N GLN A 130 -11.66 -44.35 -25.56
CA GLN A 130 -10.65 -45.31 -25.99
C GLN A 130 -9.41 -45.29 -25.10
N LYS A 131 -9.42 -44.46 -24.04
CA LYS A 131 -8.35 -44.37 -23.05
C LYS A 131 -7.06 -43.80 -23.64
N ARG A 132 -7.22 -42.86 -24.58
CA ARG A 132 -6.10 -42.21 -25.24
C ARG A 132 -5.83 -40.87 -24.56
N TRP A 133 -5.25 -40.95 -23.37
CA TRP A 133 -5.26 -39.82 -22.45
C TRP A 133 -4.48 -38.63 -22.98
N ASP A 134 -3.25 -38.86 -23.45
CA ASP A 134 -2.42 -37.74 -23.91
C ASP A 134 -2.98 -37.08 -25.16
N GLU A 135 -3.56 -37.86 -26.07
CA GLU A 135 -4.17 -37.27 -27.26
C GLU A 135 -5.39 -36.43 -26.90
N ALA A 136 -6.21 -36.90 -25.95
CA ALA A 136 -7.35 -36.12 -25.52
C ALA A 136 -6.93 -34.83 -24.84
N ALA A 137 -5.83 -34.88 -24.08
CA ALA A 137 -5.35 -33.67 -23.41
C ALA A 137 -4.90 -32.63 -24.42
N VAL A 138 -4.07 -33.04 -25.38
CA VAL A 138 -3.64 -32.15 -26.45
C VAL A 138 -4.86 -31.54 -27.15
N ASN A 139 -5.82 -32.40 -27.51
CA ASN A 139 -7.00 -31.92 -28.22
C ASN A 139 -7.78 -30.91 -27.38
N LEU A 140 -8.01 -31.23 -26.11
CA LEU A 140 -8.76 -30.33 -25.23
C LEU A 140 -8.01 -29.02 -24.99
N ALA A 141 -6.68 -29.04 -25.07
CA ALA A 141 -5.91 -27.81 -24.84
C ALA A 141 -6.02 -26.84 -25.99
N LYS A 142 -6.65 -27.22 -27.10
CA LYS A 142 -6.89 -26.33 -28.22
C LYS A 142 -8.31 -25.78 -28.21
N SER A 143 -9.13 -26.17 -27.23
CA SER A 143 -10.54 -25.89 -27.24
C SER A 143 -10.84 -24.42 -26.93
N ARG A 144 -12.02 -23.98 -27.38
CA ARG A 144 -12.54 -22.68 -26.94
C ARG A 144 -12.65 -22.64 -25.43
N TRP A 145 -13.08 -23.76 -24.84
CA TRP A 145 -13.14 -23.90 -23.39
C TRP A 145 -11.81 -23.53 -22.74
N TYR A 146 -10.71 -24.09 -23.25
CA TYR A 146 -9.40 -23.81 -22.66
C TYR A 146 -9.03 -22.34 -22.78
N ASN A 147 -9.29 -21.73 -23.95
CA ASN A 147 -8.92 -20.34 -24.15
C ASN A 147 -9.76 -19.39 -23.31
N GLN A 148 -10.94 -19.81 -22.88
CA GLN A 148 -11.79 -18.92 -22.10
C GLN A 148 -11.41 -18.94 -20.62
N THR A 149 -11.29 -20.14 -20.04
CA THR A 149 -10.92 -20.33 -18.64
C THR A 149 -9.67 -21.20 -18.58
N PRO A 150 -8.48 -20.61 -18.80
CA PRO A 150 -7.27 -21.44 -18.87
C PRO A 150 -6.93 -22.18 -17.59
N ASN A 151 -7.07 -21.54 -16.43
CA ASN A 151 -6.64 -22.15 -15.18
C ASN A 151 -7.50 -23.37 -14.85
N ARG A 152 -8.83 -23.21 -14.90
CA ARG A 152 -9.72 -24.34 -14.62
C ARG A 152 -9.54 -25.46 -15.63
N ALA A 153 -9.45 -25.10 -16.92
CA ALA A 153 -9.26 -26.11 -17.95
C ALA A 153 -7.97 -26.88 -17.74
N LYS A 154 -6.88 -26.20 -17.35
CA LYS A 154 -5.65 -26.92 -17.06
C LYS A 154 -5.84 -27.92 -15.93
N ARG A 155 -6.56 -27.54 -14.88
CA ARG A 155 -6.75 -28.46 -13.76
C ARG A 155 -7.61 -29.66 -14.17
N VAL A 156 -8.68 -29.41 -14.92
CA VAL A 156 -9.54 -30.51 -15.36
C VAL A 156 -8.80 -31.42 -16.32
N ILE A 157 -8.09 -30.84 -17.30
CA ILE A 157 -7.40 -31.64 -18.30
C ILE A 157 -6.30 -32.48 -17.66
N THR A 158 -5.53 -31.90 -16.75
CA THR A 158 -4.57 -32.67 -15.96
C THR A 158 -5.24 -33.86 -15.30
N THR A 159 -6.46 -33.68 -14.79
CA THR A 159 -7.19 -34.78 -14.16
C THR A 159 -7.53 -35.86 -15.17
N PHE A 160 -8.04 -35.47 -16.35
CA PHE A 160 -8.27 -36.45 -17.41
C PHE A 160 -6.98 -37.19 -17.75
N ARG A 161 -5.88 -36.45 -17.94
CA ARG A 161 -4.67 -37.04 -18.47
C ARG A 161 -4.09 -38.07 -17.51
N THR A 162 -3.98 -37.72 -16.24
CA THR A 162 -3.32 -38.58 -15.25
C THR A 162 -4.28 -39.49 -14.50
N GLY A 163 -5.56 -39.12 -14.40
CA GLY A 163 -6.46 -39.85 -13.53
C GLY A 163 -6.18 -39.68 -12.06
N THR A 164 -5.39 -38.66 -11.69
CA THR A 164 -5.08 -38.34 -10.30
C THR A 164 -5.59 -36.95 -9.97
N TRP A 165 -5.61 -36.63 -8.67
CA TRP A 165 -6.03 -35.33 -8.18
C TRP A 165 -4.87 -34.35 -8.06
N ASP A 166 -3.78 -34.56 -8.80
CA ASP A 166 -2.56 -33.81 -8.52
C ASP A 166 -2.72 -32.32 -8.81
N ALA A 167 -3.49 -31.96 -9.83
CA ALA A 167 -3.69 -30.54 -10.14
C ALA A 167 -4.35 -29.81 -8.98
N TYR A 168 -5.31 -30.46 -8.33
CA TYR A 168 -6.02 -29.83 -7.23
C TYR A 168 -5.22 -29.85 -5.93
N ALA A 169 -4.38 -30.87 -5.75
CA ALA A 169 -3.43 -30.84 -4.65
C ALA A 169 -2.40 -29.74 -4.83
N ALA A 170 -1.96 -29.51 -6.07
CA ALA A 170 -0.99 -28.46 -6.32
C ALA A 170 -1.59 -27.07 -6.11
N SER A 171 -2.87 -26.92 -6.33
CA SER A 171 -3.48 -25.66 -6.08
C SER A 171 -3.60 -25.45 -4.61
N GLN A 172 -3.99 -26.44 -3.84
CA GLN A 172 -4.09 -26.15 -2.44
C GLN A 172 -2.79 -25.77 -1.82
N GLN A 173 -1.70 -26.31 -2.30
CA GLN A 173 -0.44 -26.02 -1.72
C GLN A 173 0.05 -24.72 -2.16
N TRP A 174 -0.26 -24.34 -3.38
CA TRP A 174 0.18 -23.06 -3.84
C TRP A 174 -0.46 -21.97 -3.04
N THR A 175 -1.75 -22.03 -2.88
CA THR A 175 -2.44 -21.00 -2.15
C THR A 175 -2.01 -20.90 -0.72
N ALA A 176 -1.84 -22.01 -0.10
CA ALA A 176 -1.46 -21.99 1.31
C ALA A 176 -0.14 -21.26 1.51
N GLY A 177 0.80 -21.41 0.57
CA GLY A 177 2.04 -20.68 0.66
C GLY A 177 1.85 -19.18 0.51
N MET A 178 1.13 -18.78 -0.54
CA MET A 178 0.83 -17.36 -0.74
C MET A 178 0.06 -16.79 0.43
N GLY A 179 -0.74 -17.62 1.11
CA GLY A 179 -1.42 -17.16 2.29
C GLY A 179 -0.45 -16.74 3.39
N LEU A 180 0.50 -17.61 3.72
CA LEU A 180 1.51 -17.26 4.71
C LEU A 180 2.34 -16.07 4.26
N LEU A 181 2.77 -16.07 2.99
CA LEU A 181 3.62 -14.99 2.50
C LEU A 181 2.93 -13.65 2.61
N MET A 182 1.69 -13.56 2.13
CA MET A 182 0.97 -12.30 2.21
C MET A 182 0.54 -11.97 3.64
N ALA A 183 0.30 -12.99 4.46
CA ALA A 183 0.02 -12.73 5.87
C ALA A 183 1.21 -12.07 6.54
N LEU A 184 2.43 -12.45 6.14
CA LEU A 184 3.61 -11.76 6.64
C LEU A 184 3.64 -10.31 6.19
N ILE A 185 3.42 -10.08 4.89
CA ILE A 185 3.38 -8.72 4.36
C ILE A 185 2.39 -7.87 5.14
N VAL A 186 1.23 -8.45 5.49
CA VAL A 186 0.18 -7.68 6.16
C VAL A 186 0.67 -7.15 7.50
N LEU A 187 1.31 -8.01 8.30
CA LEU A 187 1.70 -7.56 9.64
C LEU A 187 2.92 -6.65 9.61
N LEU A 188 3.80 -6.80 8.62
CA LEU A 188 4.89 -5.82 8.47
C LEU A 188 4.34 -4.43 8.17
N ILE A 189 3.28 -4.34 7.36
CA ILE A 189 2.66 -3.04 7.12
C ILE A 189 2.03 -2.52 8.41
N VAL A 190 1.25 -3.36 9.09
CA VAL A 190 0.53 -2.92 10.28
C VAL A 190 1.50 -2.54 11.38
N ALA A 191 2.37 -3.48 11.77
CA ALA A 191 3.28 -3.23 12.88
C ALA A 191 4.13 -1.99 12.65
N GLY A 192 4.77 -1.92 11.47
CA GLY A 192 5.63 -0.78 11.19
C GLY A 192 4.92 0.56 11.27
N ASN A 193 3.64 0.59 10.96
CA ASN A 193 2.91 1.86 10.94
C ASN A 193 2.22 2.16 12.26
N VAL A 194 1.65 1.15 12.92
CA VAL A 194 1.08 1.39 14.24
C VAL A 194 2.19 1.77 15.23
N LEU A 195 3.41 1.29 15.00
CA LEU A 195 4.53 1.65 15.85
C LEU A 195 4.94 3.10 15.63
N VAL A 196 4.82 3.59 14.40
CA VAL A 196 5.15 4.99 14.11
C VAL A 196 4.09 5.92 14.68
N ILE A 197 2.81 5.53 14.60
CA ILE A 197 1.73 6.43 14.99
C ILE A 197 1.77 6.69 16.49
N VAL A 198 1.96 5.65 17.29
CA VAL A 198 1.94 5.86 18.74
C VAL A 198 3.24 6.50 19.22
N ALA A 199 4.36 6.24 18.55
CA ALA A 199 5.61 6.91 18.90
C ALA A 199 5.45 8.42 18.79
N ILE A 200 4.73 8.88 17.76
CA ILE A 200 4.41 10.31 17.65
C ILE A 200 3.41 10.70 18.74
N ALA A 201 2.46 9.82 19.04
CA ALA A 201 1.34 10.19 19.89
C ALA A 201 1.76 10.40 21.34
N LYS A 202 2.72 9.60 21.82
CA LYS A 202 3.07 9.64 23.24
C LYS A 202 4.39 10.32 23.54
N THR A 203 5.27 10.49 22.55
CA THR A 203 6.53 11.19 22.76
C THR A 203 6.34 12.68 22.54
N PRO A 204 6.67 13.54 23.52
CA PRO A 204 6.34 14.97 23.38
C PRO A 204 7.21 15.71 22.38
N ARG A 205 8.43 15.24 22.13
CA ARG A 205 9.33 15.98 21.25
C ARG A 205 9.25 15.53 19.80
N LEU A 206 8.35 14.61 19.47
CA LEU A 206 8.15 14.17 18.10
C LEU A 206 6.99 14.89 17.40
N GLN A 207 6.31 15.81 18.10
CA GLN A 207 5.26 16.62 17.48
C GLN A 207 5.86 17.82 16.72
N THR A 208 6.69 17.51 15.73
CA THR A 208 7.08 18.52 14.76
C THR A 208 6.02 18.56 13.65
N LEU A 209 6.11 19.57 12.79
CA LEU A 209 5.19 19.62 11.67
C LEU A 209 5.58 18.66 10.56
N THR A 210 6.88 18.48 10.33
CA THR A 210 7.31 17.44 9.39
C THR A 210 6.85 16.06 9.86
N ASN A 211 6.81 15.83 11.17
CA ASN A 211 6.26 14.58 11.69
C ASN A 211 4.75 14.58 11.74
N LEU A 212 4.12 15.76 11.79
CA LEU A 212 2.68 15.84 11.60
C LEU A 212 2.29 15.30 10.23
N PHE A 213 3.14 15.52 9.22
CA PHE A 213 2.87 14.97 7.89
C PHE A 213 3.15 13.47 7.85
N ILE A 214 4.08 12.99 8.67
CA ILE A 214 4.48 11.59 8.58
C ILE A 214 3.41 10.67 9.16
N MET A 215 2.73 11.09 10.23
CA MET A 215 1.72 10.18 10.77
C MET A 215 0.45 10.14 9.93
N SER A 216 0.25 11.12 9.04
CA SER A 216 -0.81 10.99 8.05
C SER A 216 -0.41 9.96 6.99
N LEU A 217 0.87 9.96 6.60
CA LEU A 217 1.39 8.88 5.77
C LEU A 217 1.24 7.52 6.46
N ALA A 218 1.70 7.43 7.71
CA ALA A 218 1.67 6.16 8.42
C ALA A 218 0.24 5.69 8.68
N SER A 219 -0.72 6.61 8.77
CA SER A 219 -2.11 6.21 8.98
C SER A 219 -2.79 5.84 7.67
N ALA A 220 -2.43 6.49 6.57
CA ALA A 220 -2.89 6.02 5.26
C ALA A 220 -2.31 4.65 4.96
N ASP A 221 -1.03 4.45 5.28
CA ASP A 221 -0.41 3.14 5.12
C ASP A 221 -0.93 2.12 6.13
N LEU A 222 -1.58 2.57 7.21
CA LEU A 222 -2.10 1.63 8.20
C LEU A 222 -3.46 1.07 7.77
N VAL A 223 -4.33 1.94 7.25
CA VAL A 223 -5.63 1.46 6.76
C VAL A 223 -5.43 0.46 5.63
N MET A 224 -4.40 0.68 4.81
CA MET A 224 -4.12 -0.26 3.73
C MET A 224 -3.65 -1.61 4.26
N GLY A 225 -2.89 -1.60 5.36
CA GLY A 225 -2.47 -2.85 5.96
C GLY A 225 -3.59 -3.59 6.64
N LEU A 226 -4.62 -2.87 7.11
CA LEU A 226 -5.72 -3.49 7.82
C LEU A 226 -6.87 -3.89 6.90
N LEU A 227 -7.15 -3.10 5.88
CA LEU A 227 -8.35 -3.30 5.08
C LEU A 227 -8.06 -3.64 3.62
N VAL A 228 -7.11 -2.96 3.00
CA VAL A 228 -6.91 -3.09 1.57
C VAL A 228 -6.11 -4.35 1.24
N VAL A 229 -4.92 -4.47 1.81
CA VAL A 229 -4.04 -5.61 1.51
C VAL A 229 -4.64 -6.94 1.95
N PRO A 230 -5.26 -7.07 3.13
CA PRO A 230 -5.86 -8.37 3.46
C PRO A 230 -6.94 -8.82 2.48
N PHE A 231 -7.93 -7.97 2.21
CA PHE A 231 -8.97 -8.35 1.26
C PHE A 231 -8.45 -8.46 -0.16
N GLY A 232 -7.35 -7.76 -0.49
CA GLY A 232 -6.68 -8.02 -1.75
C GLY A 232 -6.06 -9.40 -1.81
N ALA A 233 -5.65 -9.94 -0.65
CA ALA A 233 -5.02 -11.25 -0.64
C ALA A 233 -6.02 -12.38 -0.86
N THR A 234 -7.29 -12.18 -0.47
CA THR A 234 -8.29 -13.20 -0.68
C THR A 234 -8.51 -13.49 -2.16
N ILE A 235 -8.34 -12.47 -3.01
CA ILE A 235 -8.51 -12.66 -4.44
C ILE A 235 -7.40 -13.55 -4.99
N VAL A 236 -6.18 -13.41 -4.46
CA VAL A 236 -5.05 -14.17 -5.00
C VAL A 236 -5.13 -15.62 -4.57
N VAL A 237 -5.41 -15.88 -3.29
CA VAL A 237 -5.42 -17.26 -2.79
C VAL A 237 -6.68 -18.02 -3.15
N TRP A 238 -7.73 -17.35 -3.61
CA TRP A 238 -8.99 -17.99 -3.92
C TRP A 238 -9.44 -17.83 -5.36
N GLY A 239 -8.87 -16.90 -6.10
CA GLY A 239 -9.27 -16.65 -7.47
C GLY A 239 -10.58 -15.91 -7.63
N ARG A 240 -11.19 -15.44 -6.52
CA ARG A 240 -12.50 -14.84 -6.57
C ARG A 240 -12.62 -13.78 -5.49
N TRP A 241 -13.59 -12.89 -5.68
CA TRP A 241 -14.05 -12.02 -4.60
C TRP A 241 -15.20 -12.70 -3.88
N GLU A 242 -15.09 -12.80 -2.56
CA GLU A 242 -16.02 -13.60 -1.78
C GLU A 242 -17.00 -12.79 -0.95
N TYR A 243 -16.97 -11.46 -1.05
CA TYR A 243 -17.65 -10.60 -0.08
C TYR A 243 -18.71 -9.71 -0.70
N GLY A 244 -19.22 -10.07 -1.88
CA GLY A 244 -20.36 -9.40 -2.46
C GLY A 244 -19.99 -8.17 -3.25
N SER A 245 -20.93 -7.74 -4.11
CA SER A 245 -20.68 -6.62 -5.00
C SER A 245 -20.51 -5.32 -4.22
N PHE A 246 -21.27 -5.15 -3.14
CA PHE A 246 -21.22 -3.89 -2.40
C PHE A 246 -19.87 -3.69 -1.72
N PHE A 247 -19.36 -4.72 -1.05
CA PHE A 247 -18.06 -4.58 -0.39
C PHE A 247 -16.92 -4.55 -1.41
N CYS A 248 -17.10 -5.21 -2.57
CA CYS A 248 -16.16 -5.02 -3.67
C CYS A 248 -15.98 -3.55 -4.01
N GLU A 249 -17.09 -2.83 -4.17
CA GLU A 249 -17.04 -1.43 -4.57
C GLU A 249 -16.54 -0.53 -3.45
N LEU A 250 -16.84 -0.90 -2.20
CA LEU A 250 -16.33 -0.14 -1.05
C LEU A 250 -14.83 -0.42 -0.83
N TRP A 251 -14.45 -1.70 -0.85
CA TRP A 251 -13.03 -2.05 -0.78
C TRP A 251 -12.23 -1.37 -1.88
N THR A 252 -12.75 -1.39 -3.10
CA THR A 252 -12.05 -0.78 -4.22
C THR A 252 -11.82 0.70 -3.98
N SER A 253 -12.82 1.39 -3.46
CA SER A 253 -12.69 2.82 -3.23
C SER A 253 -11.78 3.12 -2.05
N VAL A 254 -11.79 2.26 -1.02
CA VAL A 254 -10.83 2.43 0.07
C VAL A 254 -9.40 2.21 -0.41
N ASP A 255 -9.21 1.30 -1.37
CA ASP A 255 -7.90 1.07 -1.94
C ASP A 255 -7.35 2.34 -2.58
N VAL A 256 -8.08 2.89 -3.56
CA VAL A 256 -7.63 4.09 -4.24
C VAL A 256 -7.60 5.30 -3.31
N LEU A 257 -8.39 5.29 -2.24
CA LEU A 257 -8.27 6.34 -1.22
C LEU A 257 -6.88 6.33 -0.58
N CYS A 258 -6.55 5.23 0.08
CA CYS A 258 -5.32 5.18 0.88
C CYS A 258 -4.08 5.39 0.02
N VAL A 259 -4.06 4.81 -1.18
CA VAL A 259 -2.90 4.98 -2.03
C VAL A 259 -2.78 6.42 -2.53
N THR A 260 -3.91 7.09 -2.76
CA THR A 260 -3.86 8.49 -3.15
C THR A 260 -3.40 9.37 -1.98
N ALA A 261 -3.93 9.13 -0.78
CA ALA A 261 -3.48 9.88 0.39
C ALA A 261 -2.02 9.58 0.70
N SER A 262 -1.59 8.35 0.48
CA SER A 262 -0.22 7.96 0.83
C SER A 262 0.78 8.63 -0.11
N ILE A 263 0.57 8.52 -1.42
CA ILE A 263 1.53 9.04 -2.38
C ILE A 263 1.56 10.56 -2.33
N GLU A 264 0.39 11.20 -2.23
CA GLU A 264 0.36 12.66 -2.18
C GLU A 264 1.00 13.19 -0.90
N THR A 265 0.93 12.43 0.20
CA THR A 265 1.63 12.85 1.41
C THR A 265 3.14 12.75 1.24
N LEU A 266 3.61 11.71 0.55
CA LEU A 266 5.01 11.66 0.18
C LEU A 266 5.42 12.90 -0.61
N CYS A 267 4.49 13.48 -1.36
CA CYS A 267 4.77 14.70 -2.11
C CYS A 267 4.78 15.91 -1.18
N VAL A 268 3.87 15.96 -0.21
CA VAL A 268 3.86 17.07 0.75
C VAL A 268 5.12 17.06 1.60
N ILE A 269 5.51 15.88 2.09
CA ILE A 269 6.76 15.74 2.83
C ILE A 269 7.93 16.16 1.96
N ALA A 270 7.87 15.85 0.66
CA ALA A 270 8.97 16.18 -0.24
C ALA A 270 9.22 17.68 -0.28
N LEU A 271 8.18 18.47 -0.49
CA LEU A 271 8.36 19.91 -0.55
C LEU A 271 8.54 20.53 0.82
N ASP A 272 7.87 19.98 1.84
CA ASP A 272 8.07 20.44 3.22
C ASP A 272 9.55 20.57 3.56
N ARG A 273 10.32 19.52 3.30
CA ARG A 273 11.73 19.53 3.71
C ARG A 273 12.51 20.61 2.95
N TYR A 274 12.36 20.61 1.66
CA TYR A 274 12.99 21.57 0.83
C TYR A 274 12.70 22.93 1.40
N LEU A 275 11.43 23.27 1.47
CA LEU A 275 11.03 24.57 2.00
C LEU A 275 11.62 24.84 3.38
N ALA A 276 11.98 23.78 4.12
CA ALA A 276 12.59 23.91 5.44
C ALA A 276 14.12 23.91 5.40
N ILE A 277 14.72 23.31 4.37
CA ILE A 277 16.16 23.15 4.32
C ILE A 277 16.83 24.23 3.47
N THR A 278 16.13 24.71 2.44
CA THR A 278 16.72 25.79 1.65
C THR A 278 16.49 27.17 2.28
N SER A 279 15.28 27.42 2.79
CA SER A 279 14.96 28.68 3.46
C SER A 279 14.28 28.37 4.78
N PRO A 280 15.06 28.06 5.81
CA PRO A 280 14.45 27.63 7.08
C PRO A 280 13.72 28.75 7.81
N PHE A 281 14.18 29.99 7.69
CA PHE A 281 13.63 31.05 8.51
C PHE A 281 12.32 31.59 7.94
N ARG A 282 12.23 31.68 6.62
CA ARG A 282 10.93 31.88 5.98
C ARG A 282 9.99 30.75 6.36
N TYR A 283 10.47 29.52 6.27
CA TYR A 283 9.70 28.30 6.50
C TYR A 283 8.79 28.36 7.73
N GLN A 284 9.37 28.62 8.91
CA GLN A 284 8.55 28.69 10.12
C GLN A 284 7.64 29.92 10.09
N SER A 285 8.12 31.03 9.53
CA SER A 285 7.25 32.21 9.41
C SER A 285 6.16 32.04 8.35
N LEU A 286 6.09 30.89 7.69
CA LEU A 286 5.08 30.62 6.66
C LEU A 286 4.13 29.49 7.02
N LEU A 287 4.64 28.40 7.61
CA LEU A 287 3.85 27.21 7.90
C LEU A 287 3.47 27.19 9.38
N THR A 288 2.23 27.59 9.68
CA THR A 288 1.72 27.49 11.03
C THR A 288 1.19 26.08 11.29
N ARG A 289 0.67 25.87 12.51
CA ARG A 289 0.05 24.59 12.81
C ARG A 289 -1.23 24.38 12.01
N ALA A 290 -1.99 25.46 11.79
CA ALA A 290 -3.21 25.36 11.00
C ALA A 290 -2.90 25.04 9.54
N ARG A 291 -1.86 25.66 8.98
CA ARG A 291 -1.55 25.43 7.57
C ARG A 291 -1.06 24.00 7.34
N ALA A 292 -0.23 23.47 8.25
CA ALA A 292 0.20 22.09 8.12
C ALA A 292 -0.98 21.14 8.09
N ARG A 293 -1.86 21.23 9.10
CA ARG A 293 -3.08 20.46 9.10
C ARG A 293 -3.97 20.81 7.91
N GLY A 294 -3.89 22.04 7.41
CA GLY A 294 -4.65 22.41 6.23
C GLY A 294 -4.25 21.61 5.01
N LEU A 295 -2.98 21.24 4.91
CA LEU A 295 -2.53 20.44 3.76
C LEU A 295 -3.06 19.02 3.84
N VAL A 296 -2.90 18.37 5.00
CA VAL A 296 -3.26 16.96 5.10
C VAL A 296 -4.77 16.78 4.89
N CYS A 297 -5.57 17.71 5.42
CA CYS A 297 -7.01 17.64 5.19
C CYS A 297 -7.35 17.84 3.72
N THR A 298 -6.56 18.66 3.02
CA THR A 298 -6.76 18.79 1.57
C THR A 298 -6.39 17.50 0.85
N VAL A 299 -5.27 16.89 1.23
CA VAL A 299 -4.84 15.63 0.60
C VAL A 299 -5.93 14.57 0.75
N TRP A 300 -6.45 14.40 1.96
CA TRP A 300 -7.52 13.44 2.17
C TRP A 300 -8.82 13.87 1.49
N ALA A 301 -9.02 15.18 1.31
CA ALA A 301 -10.18 15.63 0.57
C ALA A 301 -10.03 15.32 -0.91
N ILE A 302 -8.83 15.57 -1.47
CA ILE A 302 -8.56 15.18 -2.85
C ILE A 302 -8.68 13.67 -3.01
N SER A 303 -8.14 12.92 -2.04
CA SER A 303 -8.18 11.46 -2.12
C SER A 303 -9.61 10.94 -2.09
N ALA A 304 -10.48 11.60 -1.33
CA ALA A 304 -11.89 11.19 -1.30
C ALA A 304 -12.57 11.44 -2.63
N LEU A 305 -12.28 12.59 -3.26
CA LEU A 305 -12.86 12.91 -4.56
C LEU A 305 -12.26 12.08 -5.69
N VAL A 306 -11.10 11.46 -5.46
CA VAL A 306 -10.57 10.53 -6.46
C VAL A 306 -11.13 9.14 -6.23
N SER A 307 -11.46 8.81 -4.98
CA SER A 307 -11.83 7.45 -4.62
C SER A 307 -13.34 7.25 -4.50
N PHE A 308 -13.98 7.89 -3.52
CA PHE A 308 -15.36 7.51 -3.24
C PHE A 308 -16.33 8.16 -4.21
N LEU A 309 -16.10 9.41 -4.58
CA LEU A 309 -17.05 10.10 -5.47
C LEU A 309 -17.16 9.40 -6.82
N PRO A 310 -16.09 9.22 -7.60
CA PRO A 310 -16.28 8.61 -8.93
C PRO A 310 -16.63 7.14 -8.90
N ILE A 311 -16.12 6.38 -7.93
CA ILE A 311 -16.40 4.95 -7.90
C ILE A 311 -17.84 4.68 -7.48
N LEU A 312 -18.34 5.40 -6.47
CA LEU A 312 -19.72 5.21 -6.07
C LEU A 312 -20.68 5.78 -7.10
N MET A 313 -20.26 6.80 -7.86
CA MET A 313 -21.06 7.33 -8.97
C MET A 313 -20.92 6.53 -10.25
N HIS A 314 -20.10 5.48 -10.25
CA HIS A 314 -19.90 4.60 -11.40
C HIS A 314 -19.35 5.37 -12.60
N TRP A 315 -18.63 6.47 -12.36
CA TRP A 315 -17.99 7.22 -13.43
C TRP A 315 -16.80 6.50 -14.03
N TRP A 316 -16.39 5.38 -13.43
CA TRP A 316 -15.21 4.65 -13.87
C TRP A 316 -15.53 3.50 -14.81
N ARG A 317 -16.80 3.12 -14.94
CA ARG A 317 -17.14 1.87 -15.59
C ARG A 317 -16.88 1.92 -17.09
N ALA A 318 -16.23 0.86 -17.59
CA ALA A 318 -16.10 0.63 -19.03
C ALA A 318 -17.42 0.10 -19.56
N GLU A 319 -17.44 -0.29 -20.83
CA GLU A 319 -18.70 -0.63 -21.47
C GLU A 319 -18.53 -1.80 -22.43
N SER A 320 -17.54 -2.66 -22.20
CA SER A 320 -17.24 -3.81 -23.04
C SER A 320 -17.88 -5.08 -22.47
N ASP A 321 -17.54 -6.24 -23.05
CA ASP A 321 -18.11 -7.49 -22.56
C ASP A 321 -17.52 -7.89 -21.21
N GLU A 322 -16.19 -7.88 -21.08
CA GLU A 322 -15.60 -8.27 -19.80
C GLU A 322 -15.88 -7.23 -18.73
N ALA A 323 -16.06 -5.96 -19.11
CA ALA A 323 -16.54 -4.96 -18.17
C ALA A 323 -17.88 -5.39 -17.59
N ARG A 324 -18.86 -5.65 -18.45
CA ARG A 324 -20.20 -5.97 -17.97
C ARG A 324 -20.26 -7.36 -17.34
N ARG A 325 -19.50 -8.32 -17.86
CA ARG A 325 -19.48 -9.64 -17.23
C ARG A 325 -19.01 -9.55 -15.79
N CYS A 326 -17.99 -8.71 -15.53
CA CYS A 326 -17.49 -8.60 -14.17
C CYS A 326 -18.42 -7.80 -13.26
N TYR A 327 -19.11 -6.81 -13.83
CA TYR A 327 -20.05 -6.00 -13.05
C TYR A 327 -21.24 -6.84 -12.60
N ASN A 328 -21.68 -7.80 -13.42
CA ASN A 328 -22.79 -8.66 -13.07
C ASN A 328 -22.38 -9.83 -12.18
N ASP A 329 -21.09 -10.22 -12.21
CA ASP A 329 -20.63 -11.34 -11.41
C ASP A 329 -20.16 -10.83 -10.05
N PRO A 330 -20.90 -11.08 -8.96
CA PRO A 330 -20.45 -10.62 -7.64
C PRO A 330 -19.18 -11.32 -7.16
N LYS A 331 -18.78 -12.42 -7.79
CA LYS A 331 -17.50 -13.06 -7.49
C LYS A 331 -16.34 -12.43 -8.24
N CYS A 332 -16.61 -11.59 -9.24
CA CYS A 332 -15.58 -10.84 -9.94
C CYS A 332 -15.52 -9.43 -9.36
N CYS A 333 -14.36 -9.06 -8.83
CA CYS A 333 -14.11 -7.70 -8.35
C CYS A 333 -12.92 -7.09 -9.10
N ASP A 334 -12.83 -7.35 -10.40
CA ASP A 334 -11.80 -6.70 -11.20
C ASP A 334 -12.15 -5.25 -11.43
N PHE A 335 -11.11 -4.42 -11.49
CA PHE A 335 -11.31 -2.97 -11.57
C PHE A 335 -11.20 -2.53 -13.03
N VAL A 336 -12.22 -2.92 -13.79
CA VAL A 336 -12.28 -2.72 -15.24
C VAL A 336 -12.75 -1.28 -15.47
N THR A 337 -11.81 -0.37 -15.70
CA THR A 337 -12.12 1.04 -15.84
C THR A 337 -12.07 1.48 -17.30
N ASN A 338 -12.60 2.68 -17.54
CA ASN A 338 -12.53 3.30 -18.86
C ASN A 338 -11.22 4.09 -18.97
N ARG A 339 -11.00 4.68 -20.15
CA ARG A 339 -9.71 5.31 -20.41
C ARG A 339 -9.55 6.61 -19.64
N ALA A 340 -10.61 7.41 -19.53
CA ALA A 340 -10.50 8.71 -18.88
C ALA A 340 -10.24 8.56 -17.38
N TYR A 341 -10.96 7.65 -16.71
CA TYR A 341 -10.72 7.46 -15.28
C TYR A 341 -9.34 6.85 -15.04
N ALA A 342 -8.95 5.88 -15.88
CA ALA A 342 -7.64 5.28 -15.74
C ALA A 342 -6.53 6.32 -15.83
N ILE A 343 -6.70 7.32 -16.69
CA ILE A 343 -5.69 8.36 -16.86
C ILE A 343 -5.83 9.46 -15.82
N ALA A 344 -7.06 9.92 -15.55
CA ALA A 344 -7.25 11.01 -14.60
C ALA A 344 -6.81 10.61 -13.20
N SER A 345 -7.22 9.42 -12.75
CA SER A 345 -6.84 8.98 -11.41
C SER A 345 -5.33 8.74 -11.32
N SER A 346 -4.72 8.23 -12.39
CA SER A 346 -3.28 8.00 -12.38
C SER A 346 -2.50 9.30 -12.31
N VAL A 347 -3.01 10.36 -12.93
CA VAL A 347 -2.33 11.66 -12.87
C VAL A 347 -2.43 12.25 -11.47
N VAL A 348 -3.61 12.16 -10.85
CA VAL A 348 -3.80 12.75 -9.53
C VAL A 348 -3.14 11.90 -8.46
N SER A 349 -3.25 10.57 -8.57
CA SER A 349 -2.69 9.70 -7.54
C SER A 349 -1.18 9.57 -7.65
N PHE A 350 -0.64 9.50 -8.87
CA PHE A 350 0.76 9.13 -8.98
C PHE A 350 1.61 10.09 -9.80
N TYR A 351 1.10 10.59 -10.93
CA TYR A 351 1.99 11.25 -11.87
C TYR A 351 2.38 12.67 -11.44
N VAL A 352 1.44 13.46 -10.95
CA VAL A 352 1.83 14.80 -10.50
C VAL A 352 2.64 14.72 -9.21
N PRO A 353 2.41 13.78 -8.28
CA PRO A 353 3.34 13.67 -7.15
C PRO A 353 4.73 13.21 -7.56
N LEU A 354 4.83 12.30 -8.53
CA LEU A 354 6.14 11.81 -8.96
C LEU A 354 7.01 12.95 -9.48
N CYS A 355 6.50 13.75 -10.41
CA CYS A 355 7.30 14.79 -11.02
C CYS A 355 7.49 16.01 -10.12
N ILE A 356 6.60 16.23 -9.15
CA ILE A 356 6.89 17.25 -8.14
C ILE A 356 8.01 16.77 -7.21
N MET A 357 7.90 15.53 -6.73
CA MET A 357 8.97 14.95 -5.90
C MET A 357 10.29 14.89 -6.65
N ALA A 358 10.24 14.51 -7.93
CA ALA A 358 11.47 14.47 -8.72
C ALA A 358 12.08 15.85 -8.85
N PHE A 359 11.25 16.88 -9.01
CA PHE A 359 11.75 18.25 -9.12
C PHE A 359 12.28 18.77 -7.78
N VAL A 360 11.51 18.57 -6.71
CA VAL A 360 11.89 19.09 -5.40
C VAL A 360 13.21 18.47 -4.94
N TYR A 361 13.26 17.13 -4.88
CA TYR A 361 14.49 16.49 -4.41
C TYR A 361 15.67 16.72 -5.34
N LEU A 362 15.43 17.12 -6.59
CA LEU A 362 16.53 17.46 -7.48
C LEU A 362 17.12 18.82 -7.13
N ARG A 363 16.28 19.83 -6.97
CA ARG A 363 16.77 21.16 -6.61
C ARG A 363 17.43 21.18 -5.25
N VAL A 364 17.11 20.20 -4.38
CA VAL A 364 17.77 20.12 -3.08
C VAL A 364 19.28 19.94 -3.25
N PHE A 365 19.68 19.05 -4.16
CA PHE A 365 21.07 18.64 -4.27
C PHE A 365 21.87 19.43 -5.30
N ARG A 366 21.23 20.10 -6.25
CA ARG A 366 22.00 21.03 -7.07
C ARG A 366 22.45 22.22 -6.23
N GLU A 367 21.58 22.71 -5.35
CA GLU A 367 21.98 23.74 -4.40
C GLU A 367 22.74 23.19 -3.20
N ALA A 368 23.19 21.93 -3.27
CA ALA A 368 24.10 21.37 -2.28
C ALA A 368 25.55 21.49 -2.72
N GLN A 369 25.84 21.12 -3.97
CA GLN A 369 27.16 21.29 -4.54
C GLN A 369 27.40 22.70 -5.08
N LYS A 370 26.48 23.63 -4.81
CA LYS A 370 26.72 25.06 -5.00
C LYS A 370 27.47 25.67 -3.82
N GLN A 371 27.78 24.89 -2.79
CA GLN A 371 28.56 25.37 -1.64
C GLN A 371 29.70 24.45 -1.23
N VAL A 372 29.73 23.19 -1.68
CA VAL A 372 30.78 22.28 -1.23
C VAL A 372 32.12 22.62 -1.88
N LYS A 373 32.09 23.18 -3.09
CA LYS A 373 33.31 23.60 -3.77
C LYS A 373 33.56 25.09 -3.56
N GLU A 436 27.10 15.27 2.15
CA GLU A 436 27.57 14.95 0.80
C GLU A 436 26.79 13.78 0.20
N GLN A 437 27.50 12.74 -0.27
CA GLN A 437 26.78 11.63 -0.90
C GLN A 437 26.04 10.76 0.11
N LYS A 438 26.34 10.86 1.41
CA LYS A 438 25.45 10.24 2.39
C LYS A 438 24.08 10.90 2.37
N ALA A 439 23.98 12.11 1.84
CA ALA A 439 22.70 12.75 1.54
C ALA A 439 22.24 12.46 0.13
N LEU A 440 23.15 12.15 -0.79
CA LEU A 440 22.75 11.71 -2.13
C LEU A 440 22.13 10.33 -2.10
N LYS A 441 22.71 9.40 -1.33
CA LYS A 441 22.18 8.05 -1.28
C LYS A 441 20.84 8.01 -0.53
N THR A 442 20.61 8.97 0.37
CA THR A 442 19.26 9.11 0.93
C THR A 442 18.30 9.62 -0.12
N LEU A 443 18.72 10.61 -0.92
CA LEU A 443 17.93 11.00 -2.09
C LEU A 443 17.74 9.82 -3.04
N GLY A 444 18.79 9.02 -3.22
CA GLY A 444 18.73 7.94 -4.19
C GLY A 444 17.66 6.91 -3.89
N ILE A 445 17.34 6.70 -2.61
CA ILE A 445 16.42 5.63 -2.26
C ILE A 445 15.03 6.19 -1.99
N ILE A 446 14.95 7.44 -1.50
CA ILE A 446 13.65 8.06 -1.32
C ILE A 446 12.87 8.09 -2.63
N MET A 447 13.54 8.43 -3.72
CA MET A 447 12.92 8.34 -5.04
C MET A 447 13.06 6.96 -5.66
N GLY A 448 14.14 6.23 -5.33
CA GLY A 448 14.35 4.93 -5.94
C GLY A 448 13.33 3.90 -5.49
N VAL A 449 13.08 3.82 -4.18
CA VAL A 449 12.09 2.89 -3.66
C VAL A 449 10.70 3.29 -4.13
N PHE A 450 10.38 4.59 -4.05
CA PHE A 450 9.07 5.06 -4.50
C PHE A 450 8.83 4.77 -5.97
N THR A 451 9.87 4.90 -6.80
CA THR A 451 9.68 4.67 -8.23
C THR A 451 9.49 3.20 -8.54
N LEU A 452 10.38 2.34 -8.02
CA LEU A 452 10.27 0.91 -8.32
C LEU A 452 8.99 0.30 -7.75
N CYS A 453 8.43 0.89 -6.70
CA CYS A 453 7.21 0.33 -6.13
C CYS A 453 5.97 0.69 -6.95
N TRP A 454 5.87 1.94 -7.44
CA TRP A 454 4.63 2.38 -8.06
C TRP A 454 4.70 2.63 -9.56
N LEU A 455 5.86 2.99 -10.11
CA LEU A 455 5.91 3.24 -11.55
C LEU A 455 5.62 2.00 -12.39
N PRO A 456 6.09 0.79 -12.05
CA PRO A 456 5.65 -0.38 -12.82
C PRO A 456 4.13 -0.52 -12.89
N PHE A 457 3.42 -0.15 -11.88
CA PHE A 457 2.02 -0.31 -12.03
C PHE A 457 1.32 0.76 -12.85
N PHE A 458 1.76 1.99 -12.80
CA PHE A 458 1.03 3.03 -13.52
C PHE A 458 1.46 3.13 -14.97
N LEU A 459 2.63 2.60 -15.31
CA LEU A 459 2.95 2.42 -16.72
C LEU A 459 2.07 1.33 -17.32
N ALA A 460 1.99 0.17 -16.66
CA ALA A 460 1.08 -0.88 -17.12
C ALA A 460 -0.37 -0.41 -17.10
N ASN A 461 -0.71 0.46 -16.15
CA ASN A 461 -2.09 0.95 -16.06
C ASN A 461 -2.47 1.76 -17.29
N VAL A 462 -1.59 2.66 -17.74
CA VAL A 462 -1.94 3.49 -18.89
C VAL A 462 -1.83 2.70 -20.19
N VAL A 463 -0.87 1.77 -20.29
CA VAL A 463 -0.81 0.90 -21.47
C VAL A 463 -2.06 0.07 -21.60
N LYS A 464 -2.52 -0.52 -20.49
CA LYS A 464 -3.76 -1.30 -20.50
C LYS A 464 -4.94 -0.42 -20.89
N ALA A 465 -4.90 0.88 -20.54
CA ALA A 465 -6.01 1.78 -20.84
C ALA A 465 -6.13 2.10 -22.33
N PHE A 466 -5.13 1.73 -23.13
CA PHE A 466 -5.18 1.86 -24.58
C PHE A 466 -5.14 0.53 -25.31
N HIS A 467 -4.37 -0.44 -24.79
CA HIS A 467 -4.18 -1.74 -25.44
C HIS A 467 -4.32 -2.82 -24.37
N ARG A 468 -5.56 -3.29 -24.17
CA ARG A 468 -5.86 -4.23 -23.09
C ARG A 468 -5.01 -5.49 -23.17
N GLU A 469 -4.81 -6.02 -24.38
CA GLU A 469 -4.15 -7.31 -24.56
C GLU A 469 -2.67 -7.28 -24.19
N LEU A 470 -2.07 -6.11 -23.98
CA LEU A 470 -0.65 -6.04 -23.67
C LEU A 470 -0.35 -6.29 -22.20
N VAL A 471 -1.31 -6.07 -21.31
CA VAL A 471 -1.06 -6.19 -19.87
C VAL A 471 -1.84 -7.39 -19.34
N PRO A 472 -1.20 -8.55 -19.21
CA PRO A 472 -1.89 -9.70 -18.62
C PRO A 472 -2.19 -9.47 -17.14
N ASP A 473 -3.22 -10.18 -16.66
CA ASP A 473 -3.67 -9.99 -15.28
C ASP A 473 -2.59 -10.35 -14.28
N ARG A 474 -1.85 -11.38 -14.52
CA ARG A 474 -0.86 -11.73 -13.58
C ARG A 474 0.13 -10.62 -13.38
N LEU A 475 0.64 -10.13 -14.47
CA LEU A 475 1.60 -9.07 -14.39
C LEU A 475 0.98 -7.87 -13.74
N PHE A 476 -0.23 -7.56 -14.12
CA PHE A 476 -0.90 -6.38 -13.59
C PHE A 476 -1.10 -6.47 -12.08
N VAL A 477 -1.42 -7.67 -11.59
CA VAL A 477 -1.66 -7.83 -10.15
C VAL A 477 -0.33 -7.79 -9.38
N PHE A 478 0.74 -8.33 -9.97
CA PHE A 478 2.04 -8.28 -9.31
C PHE A 478 2.52 -6.85 -9.13
N PHE A 479 2.42 -6.03 -10.19
CA PHE A 479 2.85 -4.64 -10.10
C PHE A 479 2.09 -3.88 -9.01
N ASN A 480 0.79 -4.17 -8.87
CA ASN A 480 0.01 -3.52 -7.83
C ASN A 480 0.50 -3.91 -6.44
N TRP A 481 0.90 -5.17 -6.28
CA TRP A 481 1.46 -5.60 -5.00
C TRP A 481 2.84 -5.01 -4.73
N LEU A 482 3.58 -4.62 -5.77
CA LEU A 482 4.80 -3.84 -5.53
C LEU A 482 4.46 -2.52 -4.84
N GLY A 483 3.41 -1.85 -5.31
CA GLY A 483 2.98 -0.62 -4.67
C GLY A 483 2.45 -0.85 -3.27
N TYR A 484 1.72 -1.96 -3.07
CA TYR A 484 1.27 -2.31 -1.73
C TYR A 484 2.44 -2.44 -0.76
N ALA A 485 3.57 -2.93 -1.23
CA ALA A 485 4.74 -3.09 -0.37
C ALA A 485 5.34 -1.77 0.06
N ASN A 486 5.00 -0.66 -0.63
CA ASN A 486 5.59 0.62 -0.29
C ASN A 486 5.06 1.13 1.05
N SER A 487 3.85 0.72 1.43
CA SER A 487 3.30 1.09 2.73
C SER A 487 4.09 0.49 3.89
N ALA A 488 4.79 -0.62 3.65
CA ALA A 488 5.71 -1.17 4.63
C ALA A 488 7.09 -0.58 4.55
N PHE A 489 7.48 -0.07 3.38
CA PHE A 489 8.81 0.49 3.21
C PHE A 489 8.91 1.91 3.76
N ASN A 490 7.84 2.69 3.65
CA ASN A 490 7.89 4.09 4.04
C ASN A 490 8.22 4.31 5.52
N PRO A 491 7.63 3.58 6.48
CA PRO A 491 8.07 3.78 7.88
C PRO A 491 9.54 3.48 8.08
N ILE A 492 10.10 2.55 7.30
CA ILE A 492 11.53 2.29 7.35
C ILE A 492 12.32 3.48 6.81
N ILE A 493 11.76 4.20 5.84
CA ILE A 493 12.50 5.25 5.15
C ILE A 493 12.42 6.59 5.88
N TYR A 494 11.21 7.02 6.24
CA TYR A 494 10.97 8.39 6.66
C TYR A 494 10.96 8.56 8.18
N CYS A 495 11.39 7.55 8.94
CA CYS A 495 11.33 7.59 10.40
C CYS A 495 12.65 7.12 11.00
N ARG A 496 13.77 7.68 10.53
CA ARG A 496 15.08 7.25 10.97
C ARG A 496 15.81 8.30 11.79
N SER A 497 15.08 9.29 12.33
CA SER A 497 15.70 10.31 13.15
C SER A 497 16.21 9.70 14.45
N PRO A 498 17.15 10.36 15.13
CA PRO A 498 17.61 9.84 16.42
C PRO A 498 16.50 9.76 17.46
N ASP A 499 15.49 10.61 17.35
CA ASP A 499 14.35 10.56 18.26
C ASP A 499 13.21 9.70 17.73
N PHE A 500 13.31 9.17 16.50
CA PHE A 500 12.53 7.98 16.17
C PHE A 500 13.22 6.72 16.70
N ARG A 501 14.49 6.53 16.34
CA ARG A 501 15.21 5.34 16.77
C ARG A 501 15.14 5.14 18.28
N LYS A 502 15.50 6.18 19.03
CA LYS A 502 15.42 6.09 20.49
C LYS A 502 13.98 5.98 20.98
N ALA A 503 13.01 6.37 20.16
CA ALA A 503 11.61 6.21 20.54
C ALA A 503 11.19 4.74 20.45
N PHE A 504 11.48 4.09 19.33
CA PHE A 504 11.01 2.72 19.13
C PHE A 504 11.63 1.77 20.14
N GLN A 505 12.84 2.08 20.57
CA GLN A 505 13.49 1.26 21.56
C GLN A 505 12.68 1.33 22.83
N GLY A 506 12.24 2.52 23.17
CA GLY A 506 11.49 2.72 24.38
C GLY A 506 10.15 2.05 24.38
N LEU A 507 9.54 1.96 23.22
CA LEU A 507 8.21 1.35 23.13
C LEU A 507 8.25 -0.15 23.35
N LEU A 508 9.25 -0.83 22.81
CA LEU A 508 9.32 -2.28 22.87
C LEU A 508 10.18 -2.80 24.02
N CYS A 509 10.57 -1.94 24.96
CA CYS A 509 11.31 -2.36 26.13
C CYS A 509 10.72 -1.77 27.41
N GLN B 1 32.75 12.52 15.13
CA GLN B 1 33.75 12.72 14.09
C GLN B 1 33.82 14.21 13.75
N VAL B 2 32.86 14.97 14.29
CA VAL B 2 32.75 16.41 14.06
C VAL B 2 32.38 17.07 15.39
N GLN B 3 33.24 17.98 15.86
CA GLN B 3 33.00 18.69 17.12
C GLN B 3 33.14 20.20 16.92
N LEU B 4 32.32 20.94 17.67
CA LEU B 4 32.28 22.39 17.59
C LEU B 4 33.22 23.00 18.63
N GLN B 5 34.13 23.85 18.17
CA GLN B 5 35.11 24.51 19.02
C GLN B 5 34.78 26.00 19.07
N GLU B 6 34.54 26.51 20.27
CA GLU B 6 34.00 27.86 20.44
C GLU B 6 34.84 28.66 21.43
N SER B 7 35.06 29.94 21.10
CA SER B 7 35.91 30.82 21.88
C SER B 7 35.40 32.25 21.76
N GLY B 8 35.89 33.12 22.65
CA GLY B 8 35.56 34.54 22.61
C GLY B 8 34.86 35.07 23.84
N GLY B 9 34.61 34.25 24.87
CA GLY B 9 33.91 34.70 26.05
C GLY B 9 34.80 35.47 27.02
N GLY B 10 34.28 35.69 28.22
CA GLY B 10 34.97 36.40 29.26
C GLY B 10 34.05 37.35 29.98
N LEU B 11 34.63 38.39 30.58
CA LEU B 11 33.89 39.38 31.34
C LEU B 11 34.24 40.77 30.84
N VAL B 12 33.21 41.62 30.71
CA VAL B 12 33.32 42.98 30.22
C VAL B 12 32.26 43.81 30.94
N GLN B 13 32.55 45.10 31.12
CA GLN B 13 31.59 46.02 31.71
C GLN B 13 30.49 46.37 30.69
N ALA B 14 29.44 47.02 31.18
CA ALA B 14 28.28 47.34 30.36
C ALA B 14 28.68 48.18 29.15
N GLY B 15 27.98 47.95 28.04
CA GLY B 15 28.30 48.61 26.79
C GLY B 15 29.61 48.18 26.19
N GLY B 16 29.97 46.91 26.33
CA GLY B 16 31.23 46.40 25.84
C GLY B 16 31.09 45.66 24.52
N SER B 17 32.22 45.09 24.09
CA SER B 17 32.32 44.45 22.78
C SER B 17 33.07 43.14 22.89
N LEU B 18 32.53 42.11 22.22
CA LEU B 18 33.23 40.84 22.03
C LEU B 18 32.85 40.25 20.67
N ARG B 19 33.77 39.45 20.14
CA ARG B 19 33.55 38.73 18.89
C ARG B 19 33.76 37.24 19.17
N LEU B 20 32.78 36.42 18.81
CA LEU B 20 32.79 35.00 19.08
C LEU B 20 33.27 34.25 17.85
N SER B 21 33.93 33.11 18.08
CA SER B 21 34.43 32.28 16.99
C SER B 21 34.05 30.83 17.27
N CYS B 22 33.41 30.20 16.29
CA CYS B 22 33.01 28.80 16.40
C CYS B 22 33.49 28.06 15.17
N ALA B 23 34.51 27.21 15.34
CA ALA B 23 35.00 26.38 14.25
C ALA B 23 34.34 25.01 14.34
N ALA B 24 33.78 24.56 13.22
CA ALA B 24 33.14 23.25 13.12
C ALA B 24 34.14 22.30 12.47
N SER B 25 34.96 21.67 13.30
CA SER B 25 35.94 20.72 12.79
C SER B 25 35.25 19.57 12.09
N GLY B 26 35.96 18.97 11.15
CA GLY B 26 35.40 17.89 10.36
C GLY B 26 34.51 18.40 9.24
N SER B 27 34.05 17.45 8.42
CA SER B 27 33.21 17.74 7.26
C SER B 27 31.78 17.33 7.57
N ILE B 28 30.84 18.18 7.17
CA ILE B 28 29.41 17.94 7.34
C ILE B 28 28.67 18.49 6.12
N PHE B 29 27.37 18.22 6.06
CA PHE B 29 26.59 18.50 4.86
C PHE B 29 26.52 20.00 4.57
N ALA B 30 26.38 20.32 3.27
CA ALA B 30 26.57 21.69 2.81
C ALA B 30 25.41 22.61 3.16
N LEU B 31 24.20 22.08 3.28
CA LEU B 31 23.06 22.88 3.72
C LEU B 31 22.93 22.74 5.23
N ASN B 32 23.04 23.86 5.95
CA ASN B 32 23.08 23.82 7.40
C ASN B 32 22.71 25.19 7.95
N ILE B 33 22.60 25.26 9.28
CA ILE B 33 22.36 26.50 10.01
C ILE B 33 23.34 26.56 11.16
N MET B 34 24.18 27.60 11.19
CA MET B 34 25.04 27.87 12.33
C MET B 34 24.44 28.99 13.16
N GLY B 35 24.45 28.81 14.47
CA GLY B 35 23.83 29.79 15.34
C GLY B 35 24.39 29.81 16.74
N TRP B 36 23.76 30.58 17.62
CA TRP B 36 24.24 30.74 18.99
C TRP B 36 23.05 30.67 19.93
N TYR B 37 23.24 30.05 21.09
CA TYR B 37 22.21 29.91 22.09
C TYR B 37 22.78 30.28 23.45
N ARG B 38 21.94 30.85 24.31
CA ARG B 38 22.35 31.26 25.64
C ARG B 38 21.30 30.84 26.66
N GLN B 39 21.74 30.66 27.90
CA GLN B 39 20.84 30.35 29.01
C GLN B 39 21.43 30.90 30.29
N ALA B 40 20.72 31.83 30.93
CA ALA B 40 21.10 32.36 32.23
C ALA B 40 20.50 31.49 33.33
N PRO B 41 21.08 31.52 34.53
CA PRO B 41 20.50 30.76 35.65
C PRO B 41 19.10 31.27 35.98
N GLY B 42 18.18 30.32 36.17
CA GLY B 42 16.78 30.67 36.37
C GLY B 42 15.99 30.66 35.08
N LYS B 43 16.43 31.46 34.10
CA LYS B 43 15.83 31.44 32.77
C LYS B 43 16.21 30.16 32.04
N GLN B 44 15.67 29.97 30.85
CA GLN B 44 15.90 28.74 30.08
C GLN B 44 16.44 29.09 28.69
N ARG B 45 16.90 28.05 28.00
CA ARG B 45 17.70 28.23 26.79
C ARG B 45 16.93 29.03 25.74
N GLU B 46 17.68 29.74 24.90
CA GLU B 46 17.10 30.75 24.02
C GLU B 46 18.00 30.98 22.83
N LEU B 47 17.40 31.16 21.66
CA LEU B 47 18.14 31.59 20.50
C LEU B 47 18.53 33.06 20.63
N VAL B 48 19.64 33.43 20.01
CA VAL B 48 20.04 34.82 19.86
C VAL B 48 20.22 35.18 18.39
N ALA B 49 20.95 34.35 17.63
CA ALA B 49 21.24 34.66 16.24
C ALA B 49 21.64 33.37 15.53
N ALA B 50 21.06 33.16 14.35
CA ALA B 50 21.39 32.02 13.51
C ALA B 50 21.62 32.51 12.08
N ILE B 51 22.40 31.74 11.33
CA ILE B 51 22.71 32.06 9.94
C ILE B 51 22.72 30.78 9.12
N HIS B 52 22.14 30.86 7.92
CA HIS B 52 22.03 29.74 7.02
C HIS B 52 23.16 29.77 6.00
N SER B 53 23.54 28.57 5.51
CA SER B 53 24.67 28.45 4.59
C SER B 53 24.45 29.22 3.30
N GLY B 54 23.21 29.57 2.97
CA GLY B 54 22.96 30.46 1.86
C GLY B 54 23.18 31.91 2.24
N GLY B 55 22.81 32.26 3.47
CA GLY B 55 23.05 33.59 3.98
C GLY B 55 21.94 34.13 4.86
N THR B 56 20.75 33.54 4.75
CA THR B 56 19.60 34.02 5.52
C THR B 56 19.90 33.94 7.02
N THR B 57 19.66 35.04 7.73
CA THR B 57 19.90 35.13 9.16
C THR B 57 18.59 35.42 9.90
N ASN B 58 18.66 35.33 11.23
CA ASN B 58 17.50 35.62 12.07
C ASN B 58 18.00 35.91 13.48
N TYR B 59 17.71 37.11 13.99
CA TYR B 59 18.15 37.55 15.30
C TYR B 59 16.99 37.54 16.27
N ALA B 60 17.30 37.34 17.55
CA ALA B 60 16.27 37.45 18.58
C ALA B 60 15.81 38.90 18.68
N ASN B 61 14.80 39.13 19.51
CA ASN B 61 14.29 40.49 19.68
C ASN B 61 14.90 41.21 20.87
N SER B 62 15.77 40.54 21.64
CA SER B 62 16.65 41.19 22.59
C SER B 62 17.87 41.79 21.92
N VAL B 63 17.84 41.87 20.59
CA VAL B 63 18.97 42.29 19.76
C VAL B 63 18.42 43.24 18.72
N LYS B 64 18.62 44.55 18.91
CA LYS B 64 18.28 45.52 17.87
C LYS B 64 19.54 45.85 17.08
N GLY B 65 19.98 44.88 16.29
CA GLY B 65 21.20 44.99 15.52
C GLY B 65 22.47 45.08 16.33
N ARG B 66 22.38 45.15 17.66
CA ARG B 66 23.57 45.19 18.50
C ARG B 66 24.45 43.98 18.28
N PHE B 67 23.84 42.83 18.02
CA PHE B 67 24.54 41.61 17.66
C PHE B 67 24.39 41.39 16.16
N THR B 68 25.47 40.93 15.53
CA THR B 68 25.45 40.58 14.12
C THR B 68 26.15 39.25 13.95
N ILE B 69 25.44 38.28 13.39
CA ILE B 69 25.99 36.96 13.10
C ILE B 69 26.40 36.91 11.64
N SER B 70 27.45 36.15 11.35
CA SER B 70 27.94 36.01 9.99
C SER B 70 28.83 34.78 9.90
N ARG B 71 28.71 34.06 8.79
CA ARG B 71 29.58 32.92 8.51
C ARG B 71 30.83 33.43 7.80
N ASP B 72 31.71 32.50 7.44
CA ASP B 72 32.86 32.82 6.60
C ASP B 72 33.04 31.63 5.66
N ASN B 73 32.50 31.75 4.45
CA ASN B 73 32.48 30.64 3.51
C ASN B 73 33.91 30.13 3.24
N ALA B 74 33.98 28.89 2.78
CA ALA B 74 35.18 28.07 2.65
C ALA B 74 35.72 27.63 4.02
N ALA B 75 35.09 28.03 5.11
CA ALA B 75 35.48 27.60 6.45
C ALA B 75 34.22 27.43 7.29
N ASN B 76 34.07 26.27 7.93
CA ASN B 76 32.92 26.07 8.80
C ASN B 76 33.07 26.89 10.09
N THR B 77 32.90 28.21 9.98
CA THR B 77 33.09 29.10 11.11
C THR B 77 32.07 30.23 11.06
N VAL B 78 31.41 30.48 12.20
CA VAL B 78 30.41 31.52 12.34
C VAL B 78 30.82 32.45 13.48
N TYR B 79 30.69 33.76 13.28
CA TYR B 79 31.10 34.77 14.27
C TYR B 79 29.94 35.63 14.72
N LEU B 80 29.96 36.05 15.98
CA LEU B 80 28.86 36.83 16.54
C LEU B 80 29.44 38.01 17.30
N GLN B 81 29.21 39.22 16.78
CA GLN B 81 29.72 40.45 17.38
C GLN B 81 28.71 40.95 18.42
N MET B 82 29.19 41.12 19.65
CA MET B 82 28.35 41.51 20.78
C MET B 82 28.67 42.96 21.14
N ASN B 83 27.80 43.89 20.79
CA ASN B 83 28.02 45.30 21.08
C ASN B 83 26.88 45.85 21.92
N SER B 84 27.16 46.97 22.60
CA SER B 84 26.19 47.66 23.45
C SER B 84 25.60 46.72 24.50
N LEU B 85 26.48 46.05 25.23
CA LEU B 85 26.07 44.96 26.10
C LEU B 85 25.40 45.50 27.36
N LYS B 86 24.32 44.83 27.78
CA LYS B 86 23.57 45.13 28.99
C LYS B 86 23.76 44.02 30.02
N PRO B 87 23.65 44.33 31.32
CA PRO B 87 23.79 43.28 32.34
C PRO B 87 22.80 42.13 32.18
N GLU B 88 21.77 42.29 31.33
CA GLU B 88 20.78 41.26 31.12
C GLU B 88 21.29 40.11 30.26
N ASP B 89 22.51 40.23 29.74
CA ASP B 89 23.06 39.28 28.78
C ASP B 89 23.94 38.21 29.41
N THR B 90 24.12 38.23 30.74
CA THR B 90 24.91 37.21 31.41
C THR B 90 24.31 35.83 31.17
N ALA B 91 25.04 34.97 30.48
CA ALA B 91 24.60 33.61 30.21
C ALA B 91 25.76 32.84 29.59
N VAL B 92 25.68 31.52 29.66
CA VAL B 92 26.60 30.67 28.93
C VAL B 92 26.12 30.59 27.49
N TYR B 93 27.01 30.83 26.55
CA TYR B 93 26.68 30.85 25.13
C TYR B 93 27.13 29.57 24.45
N TYR B 94 26.26 29.03 23.61
CA TYR B 94 26.44 27.72 23.00
C TYR B 94 26.45 27.86 21.48
N CYS B 95 27.39 27.19 20.84
CA CYS B 95 27.42 27.14 19.38
C CYS B 95 26.65 25.91 18.92
N ASN B 96 25.70 26.13 18.02
CA ASN B 96 24.87 25.06 17.49
C ASN B 96 24.94 25.05 15.96
N VAL B 97 24.87 23.86 15.39
CA VAL B 97 24.81 23.69 13.94
C VAL B 97 23.71 22.69 13.61
N LYS B 98 22.87 23.05 12.64
CA LYS B 98 21.79 22.20 12.14
C LYS B 98 22.30 21.46 10.92
N ASP B 99 22.54 20.16 11.05
CA ASP B 99 23.01 19.39 9.90
C ASP B 99 21.81 18.79 9.15
N PHE B 100 21.91 18.78 7.82
CA PHE B 100 20.79 18.40 6.96
C PHE B 100 21.15 17.23 6.05
N GLY B 101 22.23 16.51 6.35
CA GLY B 101 22.59 15.36 5.53
C GLY B 101 21.48 14.33 5.45
N ALA B 102 20.94 13.95 6.61
CA ALA B 102 19.64 13.30 6.63
C ALA B 102 18.57 14.32 6.24
N ILE B 103 17.75 13.97 5.26
CA ILE B 103 16.92 14.97 4.61
C ILE B 103 15.54 15.11 5.28
N ILE B 104 15.11 14.10 6.02
CA ILE B 104 13.79 14.14 6.65
C ILE B 104 13.81 14.81 8.03
N TYR B 105 14.97 14.85 8.68
CA TYR B 105 15.07 15.35 10.04
C TYR B 105 16.38 16.11 10.22
N ASP B 106 16.50 16.78 11.36
CA ASP B 106 17.68 17.56 11.69
C ASP B 106 18.68 16.73 12.49
N TYR B 107 19.95 17.10 12.37
CA TYR B 107 21.00 16.55 13.21
C TYR B 107 21.70 17.71 13.90
N ASP B 108 21.77 17.67 15.22
CA ASP B 108 22.25 18.80 16.01
C ASP B 108 23.59 18.46 16.65
N TYR B 109 24.62 19.21 16.27
CA TYR B 109 25.87 19.22 17.02
C TYR B 109 25.88 20.41 17.97
N TRP B 110 26.45 20.21 19.15
CA TRP B 110 26.49 21.25 20.17
C TRP B 110 27.92 21.48 20.64
N GLY B 111 28.31 22.75 20.70
CA GLY B 111 29.46 23.13 21.48
C GLY B 111 29.15 23.10 22.97
N GLN B 112 30.21 23.01 23.78
CA GLN B 112 30.01 22.76 25.20
C GLN B 112 29.73 24.04 25.99
N GLY B 113 30.18 25.19 25.51
CA GLY B 113 29.85 26.46 26.16
C GLY B 113 31.02 27.36 26.48
N THR B 114 30.77 28.67 26.43
CA THR B 114 31.72 29.68 26.88
C THR B 114 30.97 30.67 27.76
N GLN B 115 31.44 30.84 28.99
CA GLN B 115 30.77 31.75 29.92
C GLN B 115 30.95 33.20 29.49
N VAL B 116 29.88 33.97 29.61
CA VAL B 116 29.90 35.41 29.33
C VAL B 116 29.10 36.10 30.43
N THR B 117 29.75 37.02 31.12
CA THR B 117 29.16 37.78 32.22
C THR B 117 29.54 39.24 32.06
N VAL B 118 28.56 40.12 32.26
CA VAL B 118 28.67 41.54 31.98
C VAL B 118 28.29 42.32 33.22
N SER B 119 29.04 43.40 33.51
CA SER B 119 28.91 44.19 34.72
C SER B 119 28.44 45.61 34.36
N SER B 120 27.65 46.21 35.24
CA SER B 120 27.17 47.57 35.01
C SER B 120 28.03 48.60 35.75
C1 GLC C . -22.09 -19.24 -20.14
C2 GLC C . -21.12 -20.16 -19.37
C3 GLC C . -19.72 -20.08 -19.80
C4 GLC C . -19.56 -19.75 -21.26
C5 GLC C . -20.20 -18.37 -21.46
C6 GLC C . -21.02 -18.23 -22.71
O1 GLC C . -23.18 -18.77 -19.49
O2 GLC C . -21.05 -19.67 -18.05
O3 GLC C . -18.91 -21.25 -19.60
O4 GLC C . -18.14 -19.95 -21.60
O5 GLC C . -21.32 -18.05 -20.57
O6 GLC C . -22.22 -17.56 -22.38
C1 GLC C . -18.01 -20.49 -22.80
C2 GLC C . -16.87 -21.47 -22.66
C3 GLC C . -15.88 -21.60 -23.85
C4 GLC C . -16.64 -21.35 -25.14
C5 GLC C . -17.21 -19.89 -25.02
C6 GLC C . -18.61 -19.66 -25.47
O2 GLC C . -16.46 -20.71 -21.54
O3 GLC C . -14.96 -22.83 -23.99
O4 GLC C . -15.92 -21.71 -26.29
O5 GLC C . -17.52 -19.40 -23.66
O6 GLC C . -18.92 -18.63 -24.60
C1 GLC D . -22.50 -26.11 -9.62
C2 GLC D . -21.82 -24.98 -10.40
C3 GLC D . -22.66 -24.33 -11.40
C4 GLC D . -23.20 -25.42 -12.28
C5 GLC D . -24.30 -25.97 -11.37
C6 GLC D . -25.40 -26.75 -12.05
O1 GLC D . -22.88 -25.67 -8.43
O2 GLC D . -21.30 -23.93 -9.60
O3 GLC D . -21.87 -23.28 -12.06
O4 GLC D . -23.42 -25.08 -13.71
O5 GLC D . -23.70 -26.74 -10.28
O6 GLC D . -26.53 -26.69 -11.22
C1 GLC D . -24.62 -24.63 -14.13
C2 GLC D . -25.27 -25.64 -15.08
C3 GLC D . -25.16 -25.40 -16.54
C4 GLC D . -24.84 -24.00 -16.97
C5 GLC D . -23.83 -23.35 -16.05
C6 GLC D . -23.53 -21.97 -16.53
O2 GLC D . -24.73 -26.97 -14.87
O3 GLC D . -26.46 -25.86 -17.05
O4 GLC D . -24.31 -23.87 -18.28
O5 GLC D . -24.42 -23.28 -14.73
O6 GLC D . -24.67 -21.31 -16.91
S SO4 E . -9.54 -19.24 -15.24
O1 SO4 E . -8.34 -19.26 -16.06
O2 SO4 E . -9.93 -20.60 -14.93
O3 SO4 E . -9.26 -18.51 -14.00
O4 SO4 E . -10.61 -18.56 -15.97
S SO4 F . -13.69 -31.93 -30.20
O1 SO4 F . -12.50 -32.30 -30.96
O2 SO4 F . -13.63 -32.50 -28.84
O3 SO4 F . -14.87 -32.44 -30.89
O4 SO4 F . -13.77 -30.48 -30.07
S SO4 G . -8.67 -41.81 -35.15
O1 SO4 G . -8.00 -40.87 -34.26
O2 SO4 G . -7.67 -42.58 -35.90
O3 SO4 G . -9.51 -42.71 -34.37
O4 SO4 G . -9.50 -41.07 -36.10
S SO4 H . -33.76 -35.44 -13.27
O1 SO4 H . -32.90 -34.87 -14.30
O2 SO4 H . -33.66 -36.89 -13.29
O3 SO4 H . -35.14 -35.04 -13.51
O4 SO4 H . -33.34 -34.93 -11.97
S SO4 I . -19.25 -17.16 3.86
O1 SO4 I . -17.93 -17.05 3.23
O2 SO4 I . -19.35 -18.48 4.51
O3 SO4 I . -19.40 -16.11 4.86
O4 SO4 I . -20.29 -17.05 2.85
S SO4 J . -13.00 2.58 -22.95
O1 SO4 J . -12.28 1.67 -22.05
O2 SO4 J . -12.78 2.17 -24.33
O3 SO4 J . -14.42 2.54 -22.64
O4 SO4 J . -12.51 3.94 -22.76
C1 CLR K . -0.41 5.30 -25.83
C2 CLR K . -1.12 4.61 -26.97
C3 CLR K . -0.09 4.21 -28.05
C4 CLR K . 0.92 3.19 -27.47
C5 CLR K . 1.66 3.93 -26.38
C6 CLR K . 3.00 4.00 -26.45
C7 CLR K . 3.86 4.73 -25.43
C8 CLR K . 3.09 5.03 -24.16
C9 CLR K . 1.67 5.55 -24.44
C10 CLR K . 0.82 4.56 -25.27
C11 CLR K . 0.97 6.02 -23.14
C12 CLR K . 1.82 6.99 -22.32
C13 CLR K . 3.20 6.45 -22.02
C14 CLR K . 3.84 6.11 -23.37
C15 CLR K . 5.30 5.84 -23.03
C16 CLR K . 5.56 6.87 -21.91
C17 CLR K . 4.20 7.42 -21.44
C18 CLR K . 3.13 5.20 -21.12
C19 CLR K . 0.34 3.38 -24.42
C20 CLR K . 4.19 7.66 -19.90
C21 CLR K . 2.81 7.83 -19.25
C22 CLR K . 5.00 8.93 -19.58
C23 CLR K . 5.87 8.78 -18.33
C24 CLR K . 6.82 9.97 -18.21
C25 CLR K . 6.83 10.58 -16.83
C26 CLR K . 8.12 11.37 -16.61
C27 CLR K . 5.60 11.44 -16.62
O1 CLR K . -0.60 3.71 -29.29
C10 1WV L . 3.61 -10.64 -4.13
C13 1WV L . 0.92 -11.56 -6.79
C17 1WV L . -0.65 -13.74 -9.30
C20 1WV L . -2.33 -15.54 -9.65
C07 1WV L . 6.38 -8.08 -3.34
C08 1WV L . 5.00 -8.68 -3.22
C09 1WV L . 4.69 -9.60 -4.38
C11 1WV L . 2.43 -10.50 -5.08
C12 1WV L . 1.85 -11.80 -5.60
C14 1WV L . 0.82 -12.74 -7.76
O15 1WV L . 1.69 -12.49 -8.79
O16 1WV L . -0.43 -12.77 -8.34
C18 1WV L . -2.05 -14.22 -9.02
O19 1WV L . -3.00 -13.38 -9.59
O21 1WV L . -3.70 -15.47 -9.79
NA NA M . -18.28 -7.85 -9.73
N1 EPE N . -4.79 -20.27 -8.91
C2 EPE N . -5.09 -20.20 -7.49
C3 EPE N . -6.39 -20.97 -7.36
N4 EPE N . -7.43 -20.31 -8.16
C5 EPE N . -7.04 -20.13 -9.57
C6 EPE N . -5.71 -19.38 -9.62
C7 EPE N . -8.63 -21.14 -8.05
C8 EPE N . -9.86 -20.40 -8.51
O8 EPE N . -9.79 -20.16 -9.89
C9 EPE N . -3.37 -20.12 -9.23
C10 EPE N . -2.79 -21.53 -9.19
S EPE N . -1.52 -21.66 -10.22
O1S EPE N . -1.96 -22.09 -11.54
O2S EPE N . -0.53 -22.65 -9.80
O3S EPE N . -0.86 -20.37 -10.36
CAA P0G O . -9.48 -5.51 -7.55
CAB P0G O . -8.48 -2.16 -7.31
CAC P0G O . -6.80 -2.83 -9.02
OAD P0G O . -6.24 3.28 -12.81
OAE P0G O . -5.85 5.67 -8.81
OAF P0G O . -4.30 0.18 -6.13
CAG P0G O . -6.87 -7.51 -9.38
CAH P0G O . -5.69 -6.86 -9.03
CAI P0G O . -8.09 -7.07 -8.89
CAJ P0G O . -5.74 -5.76 -8.19
CAK P0G O . -5.22 4.04 -7.17
CAL P0G O . -5.03 2.71 -6.82
CAM P0G O . -5.66 1.48 -11.37
CAN P0G O . -6.38 -0.40 -7.13
CAO P0G O . -6.97 -4.09 -6.81
NAP P0G O . -6.16 -1.81 -6.93
NAQ P0G O . -6.32 3.70 -10.62
OAR P0G O . -5.95 1.12 -10.02
CAS P0G O . -6.09 2.90 -11.66
CAT P0G O . -8.13 -5.96 -8.05
CAU P0G O . -5.66 4.37 -8.46
CAV P0G O . -6.97 -5.30 -7.72
CAW P0G O . -5.27 1.69 -7.75
CAX P0G O . -5.89 3.38 -9.38
CAY P0G O . -5.70 2.04 -9.04
CAZ P0G O . -5.04 0.28 -7.36
CBA P0G O . -7.09 -2.75 -7.52
O1 P6G P . -6.10 -35.50 1.05
C2 P6G P . -7.26 -35.99 1.61
C3 P6G P . -7.98 -36.70 0.49
O4 P6G P . -7.54 -36.02 -0.62
C5 P6G P . -6.56 -36.69 -1.33
C6 P6G P . -7.11 -37.14 -2.65
O7 P6G P . -8.17 -36.36 -3.05
C8 P6G P . -7.90 -35.02 -3.21
C9 P6G P . -8.70 -34.44 -4.35
O10 P6G P . -9.53 -33.54 -3.75
C11 P6G P . -9.47 -32.24 -4.17
C12 P6G P . -8.49 -31.53 -3.27
O13 P6G P . -9.12 -30.50 -2.58
C14 P6G P . -8.71 -30.35 -1.26
C15 P6G P . -7.27 -29.90 -1.25
O16 P6G P . -6.43 -30.93 -1.65
C17 P6G P . -6.30 -31.96 -0.73
C18 P6G P . -6.20 -33.26 -1.51
O19 P6G P . -6.23 -32.95 -2.85
#